data_2QTY
#
_entry.id   2QTY
#
_cell.length_a   53.877
_cell.length_b   60.096
_cell.length_c   91.782
_cell.angle_alpha   90.000
_cell.angle_beta   90.090
_cell.angle_gamma   90.000
#
_symmetry.space_group_name_H-M   'P 1 21 1'
#
loop_
_entity.id
_entity.type
_entity.pdbx_description
1 polymer 'Poly(ADP-ribose) glycohydrolase ARH3'
2 non-polymer 'MAGNESIUM ION'
3 water water
#
_entity_poly.entity_id   1
_entity_poly.type   'polypeptide(L)'
_entity_poly.pdbx_seq_one_letter_code
;MASISRFRGCLAGALLGDCVGAVYEAHDTVSLASVLSHVESLEPDPGTPGSARTETLYYTDDTAMTRALVQSLLAKEAFD
EVDMAHRFAQEYKKDPDRGYGAGVITVFKKLLNPKCRDVYEPARAQFNGKGSYGNGGAMRVAGISLAYSSVQDVQKFARL
SAQLTHASSLGYNGAILQALAVHLALQGVSSSEHFLEQLLGHMEELEGDAQSVLDAKELGMEERPYSSRLKKVGELLDQD
VVSREEVVSELGNGIAAFESVPTAIYCFLRCMEPHPEIPSTFNSLQRTLIYSISLGGDTDTIATMAGAIAGAYYGMEQVP
ESWQQSCEGFEETDVLAQSLHRVFQES
;
_entity_poly.pdbx_strand_id   A,B
#
loop_
_chem_comp.id
_chem_comp.type
_chem_comp.name
_chem_comp.formula
MG non-polymer 'MAGNESIUM ION' 'Mg 2'
#
# COMPACT_ATOMS: atom_id res chain seq x y z
N MET A 1 8.09 5.67 -2.59
CA MET A 1 8.43 4.81 -3.75
C MET A 1 9.08 5.62 -4.87
N ALA A 2 9.65 4.90 -5.84
CA ALA A 2 10.48 5.50 -6.89
C ALA A 2 9.62 6.09 -7.99
N SER A 3 10.05 7.22 -8.52
CA SER A 3 9.26 7.85 -9.56
C SER A 3 9.12 6.89 -10.77
N ILE A 4 10.10 6.04 -11.09
CA ILE A 4 9.98 5.17 -12.30
C ILE A 4 8.79 4.22 -12.15
N SER A 5 8.57 3.74 -10.94
CA SER A 5 7.40 2.92 -10.67
C SER A 5 6.08 3.68 -10.86
N ARG A 6 6.01 4.93 -10.41
CA ARG A 6 4.85 5.76 -10.60
C ARG A 6 4.58 6.07 -12.07
N PHE A 7 5.64 6.26 -12.83
CA PHE A 7 5.51 6.60 -14.23
C PHE A 7 4.88 5.41 -14.96
N ARG A 8 5.49 4.25 -14.76
CA ARG A 8 5.01 2.99 -15.32
C ARG A 8 3.58 2.69 -14.82
N GLY A 9 3.29 2.89 -13.53
CA GLY A 9 1.99 2.61 -12.98
C GLY A 9 0.92 3.55 -13.55
N CYS A 10 1.27 4.81 -13.72
CA CYS A 10 0.40 5.81 -14.31
C CYS A 10 -0.08 5.40 -15.69
N LEU A 11 0.82 5.11 -16.64
CA LEU A 11 0.35 4.75 -17.98
C LEU A 11 -0.29 3.33 -18.03
N ALA A 12 0.19 2.42 -17.19
CA ALA A 12 -0.46 1.12 -17.03
C ALA A 12 -1.91 1.27 -16.53
N GLY A 13 -2.12 2.15 -15.56
CA GLY A 13 -3.44 2.41 -14.98
C GLY A 13 -4.41 2.98 -15.96
N ALA A 14 -3.90 3.88 -16.78
CA ALA A 14 -4.63 4.45 -17.86
C ALA A 14 -5.02 3.40 -18.88
N LEU A 15 -4.07 2.57 -19.29
CA LEU A 15 -4.36 1.48 -20.24
C LEU A 15 -5.41 0.52 -19.69
N LEU A 16 -5.24 0.13 -18.43
CA LEU A 16 -6.17 -0.80 -17.82
C LEU A 16 -7.59 -0.21 -17.81
N GLY A 17 -7.72 1.05 -17.40
CA GLY A 17 -9.05 1.69 -17.35
C GLY A 17 -9.71 1.72 -18.69
N ASP A 18 -8.95 2.09 -19.72
CA ASP A 18 -9.49 2.11 -21.09
C ASP A 18 -9.89 0.69 -21.51
N CYS A 19 -8.96 -0.27 -21.44
CA CYS A 19 -9.22 -1.64 -21.94
C CYS A 19 -10.32 -2.35 -21.16
N VAL A 20 -10.26 -2.29 -19.82
CA VAL A 20 -11.26 -2.94 -18.99
C VAL A 20 -12.65 -2.25 -19.08
N GLY A 21 -12.64 -0.92 -19.18
CA GLY A 21 -13.85 -0.14 -19.22
C GLY A 21 -14.54 -0.17 -20.57
N ALA A 22 -13.81 -0.45 -21.64
CA ALA A 22 -14.37 -0.36 -23.02
C ALA A 22 -15.69 -1.09 -23.31
N VAL A 23 -15.87 -2.30 -22.81
CA VAL A 23 -17.05 -3.11 -23.16
C VAL A 23 -18.32 -2.43 -22.62
N TYR A 24 -18.19 -1.57 -21.61
CA TYR A 24 -19.35 -0.95 -21.00
C TYR A 24 -19.59 0.49 -21.48
N GLU A 25 -18.79 0.95 -22.44
CA GLU A 25 -18.90 2.35 -22.85
C GLU A 25 -20.34 2.66 -23.29
N ALA A 26 -20.86 3.77 -22.76
CA ALA A 26 -22.20 4.29 -23.05
C ALA A 26 -23.32 3.56 -22.35
N HIS A 27 -23.05 2.48 -21.63
CA HIS A 27 -24.10 1.75 -20.95
C HIS A 27 -24.60 2.59 -19.77
N ASP A 28 -25.90 2.83 -19.71
CA ASP A 28 -26.36 3.77 -18.69
C ASP A 28 -26.42 3.09 -17.30
N THR A 29 -26.50 1.77 -17.29
CA THR A 29 -26.49 1.00 -16.04
C THR A 29 -25.51 -0.18 -16.17
N VAL A 30 -24.63 -0.29 -15.19
CA VAL A 30 -23.64 -1.37 -15.16
C VAL A 30 -23.65 -1.86 -13.70
N SER A 31 -24.03 -3.10 -13.47
CA SER A 31 -24.02 -3.64 -12.10
C SER A 31 -22.58 -3.93 -11.65
N LEU A 32 -22.34 -3.82 -10.33
CA LEU A 32 -21.05 -4.14 -9.73
C LEU A 32 -20.80 -5.63 -10.00
N ALA A 33 -21.83 -6.44 -9.88
CA ALA A 33 -21.74 -7.88 -10.17
C ALA A 33 -21.15 -8.12 -11.56
N SER A 34 -21.64 -7.38 -12.55
CA SER A 34 -21.21 -7.54 -13.92
C SER A 34 -19.74 -7.21 -14.09
N VAL A 35 -19.33 -6.07 -13.51
CA VAL A 35 -17.95 -5.65 -13.57
C VAL A 35 -17.01 -6.59 -12.86
N LEU A 36 -17.42 -7.08 -11.69
CA LEU A 36 -16.65 -8.11 -11.00
C LEU A 36 -16.44 -9.37 -11.85
N SER A 37 -17.49 -9.88 -12.48
CA SER A 37 -17.36 -11.03 -13.34
C SER A 37 -16.43 -10.73 -14.55
N HIS A 38 -16.50 -9.52 -15.08
CA HIS A 38 -15.66 -9.07 -16.22
C HIS A 38 -14.16 -9.13 -15.86
N VAL A 39 -13.80 -8.51 -14.72
CA VAL A 39 -12.43 -8.52 -14.26
C VAL A 39 -11.99 -9.90 -13.77
N GLU A 40 -12.88 -10.67 -13.14
CA GLU A 40 -12.56 -12.04 -12.73
C GLU A 40 -12.33 -12.93 -13.92
N SER A 41 -12.92 -12.60 -15.07
CA SER A 41 -12.67 -13.31 -16.35
C SER A 41 -11.23 -13.18 -16.88
N LEU A 42 -10.47 -12.25 -16.29
CA LEU A 42 -9.08 -12.04 -16.70
C LEU A 42 -8.14 -12.89 -15.86
N GLU A 43 -8.68 -13.55 -14.85
CA GLU A 43 -7.95 -14.48 -13.98
C GLU A 43 -8.42 -15.87 -14.22
N PRO A 44 -8.23 -16.44 -15.42
CA PRO A 44 -8.46 -17.88 -15.50
C PRO A 44 -7.56 -18.78 -14.61
N GLU A 55 -10.34 -13.33 -24.86
CA GLU A 55 -9.68 -12.44 -25.81
C GLU A 55 -8.77 -11.41 -25.12
N THR A 56 -7.88 -10.81 -25.90
CA THR A 56 -7.20 -9.60 -25.43
C THR A 56 -8.25 -8.48 -25.27
N LEU A 57 -7.98 -7.58 -24.35
CA LEU A 57 -8.77 -6.37 -24.26
C LEU A 57 -8.11 -5.33 -25.12
N TYR A 58 -8.79 -4.94 -26.17
CA TYR A 58 -8.25 -3.93 -27.10
C TYR A 58 -8.42 -2.53 -26.53
N TYR A 59 -7.42 -1.67 -26.74
CA TYR A 59 -7.53 -0.28 -26.28
C TYR A 59 -8.35 0.58 -27.28
N THR A 60 -8.77 1.76 -26.86
CA THR A 60 -9.58 2.62 -27.71
C THR A 60 -8.85 3.92 -27.98
N ASP A 61 -9.61 4.92 -28.44
CA ASP A 61 -9.08 6.25 -28.68
C ASP A 61 -8.33 6.84 -27.53
N ASP A 62 -8.75 6.54 -26.29
CA ASP A 62 -8.11 7.13 -25.12
C ASP A 62 -6.62 6.81 -25.10
N THR A 63 -6.32 5.54 -25.28
CA THR A 63 -4.95 5.04 -25.31
C THR A 63 -4.25 5.49 -26.62
N ALA A 64 -4.94 5.39 -27.74
CA ALA A 64 -4.34 5.77 -29.03
C ALA A 64 -3.80 7.20 -28.95
N MET A 65 -4.64 8.10 -28.40
CA MET A 65 -4.24 9.52 -28.28
C MET A 65 -3.17 9.73 -27.19
N THR A 66 -3.30 9.00 -26.06
CA THR A 66 -2.27 9.00 -25.02
C THR A 66 -0.89 8.70 -25.67
N ARG A 67 -0.83 7.68 -26.51
CA ARG A 67 0.41 7.25 -27.16
C ARG A 67 0.89 8.31 -28.11
N ALA A 68 -0.01 8.94 -28.87
CA ALA A 68 0.42 9.94 -29.82
C ALA A 68 0.99 11.15 -29.08
N LEU A 69 0.35 11.51 -27.97
CA LEU A 69 0.82 12.64 -27.15
C LEU A 69 2.25 12.39 -26.63
N VAL A 70 2.46 11.19 -26.10
CA VAL A 70 3.74 10.77 -25.56
C VAL A 70 4.80 10.68 -26.68
N GLN A 71 4.42 10.14 -27.84
CA GLN A 71 5.32 10.09 -28.97
C GLN A 71 5.87 11.49 -29.31
N SER A 72 5.01 12.47 -29.30
CA SER A 72 5.40 13.84 -29.65
C SER A 72 6.40 14.44 -28.61
N LEU A 73 6.10 14.23 -27.35
CA LEU A 73 6.95 14.71 -26.30
C LEU A 73 8.31 14.05 -26.39
N LEU A 74 8.33 12.74 -26.62
CA LEU A 74 9.58 12.01 -26.77
C LEU A 74 10.36 12.42 -28.00
N ALA A 75 9.67 12.66 -29.12
CA ALA A 75 10.36 13.01 -30.38
C ALA A 75 11.03 14.36 -30.26
N LYS A 76 10.33 15.29 -29.62
CA LYS A 76 10.77 16.68 -29.54
C LYS A 76 11.44 17.08 -28.22
N GLU A 77 11.30 16.21 -27.22
CA GLU A 77 11.80 16.46 -25.86
C GLU A 77 11.23 17.74 -25.22
N ALA A 78 9.98 18.00 -25.57
CA ALA A 78 9.29 19.23 -25.30
C ALA A 78 7.88 19.13 -25.89
N PHE A 79 6.97 19.93 -25.34
CA PHE A 79 5.73 20.17 -26.01
C PHE A 79 5.95 20.95 -27.33
N ASP A 80 5.51 20.37 -28.44
CA ASP A 80 5.54 20.98 -29.79
C ASP A 80 4.14 20.83 -30.42
N GLU A 81 3.39 21.94 -30.50
CA GLU A 81 1.98 21.83 -30.90
C GLU A 81 1.79 21.31 -32.34
N VAL A 82 2.67 21.72 -33.25
CA VAL A 82 2.53 21.34 -34.65
C VAL A 82 2.79 19.81 -34.79
N ASP A 83 3.83 19.36 -34.11
CA ASP A 83 4.21 17.97 -34.20
C ASP A 83 3.12 17.14 -33.56
N MET A 84 2.62 17.61 -32.41
CA MET A 84 1.63 16.82 -31.70
C MET A 84 0.31 16.76 -32.51
N ALA A 85 -0.13 17.90 -33.04
CA ALA A 85 -1.37 17.96 -33.82
C ALA A 85 -1.30 17.02 -34.96
N HIS A 86 -0.18 17.03 -35.66
CA HIS A 86 0.01 16.14 -36.81
C HIS A 86 0.06 14.66 -36.42
N ARG A 87 0.64 14.36 -35.26
CA ARG A 87 0.67 13.00 -34.77
C ARG A 87 -0.73 12.49 -34.41
N PHE A 88 -1.56 13.37 -33.85
CA PHE A 88 -2.97 12.99 -33.55
C PHE A 88 -3.68 12.64 -34.87
N ALA A 89 -3.56 13.53 -35.85
CA ALA A 89 -4.20 13.31 -37.14
C ALA A 89 -3.72 12.01 -37.80
N GLN A 90 -2.41 11.80 -37.79
CA GLN A 90 -1.84 10.69 -38.50
C GLN A 90 -2.17 9.38 -37.80
N GLU A 91 -2.27 9.40 -36.48
CA GLU A 91 -2.66 8.20 -35.70
C GLU A 91 -4.11 7.81 -36.03
N TYR A 92 -4.97 8.82 -36.12
CA TYR A 92 -6.32 8.56 -36.59
C TYR A 92 -6.32 8.02 -38.03
N LYS A 93 -5.63 8.67 -38.95
CA LYS A 93 -5.59 8.21 -40.34
C LYS A 93 -5.12 6.74 -40.40
N LYS A 94 -4.07 6.44 -39.67
CA LYS A 94 -3.51 5.09 -39.58
C LYS A 94 -4.49 4.03 -39.06
N ASP A 95 -5.22 4.39 -38.02
CA ASP A 95 -6.08 3.46 -37.28
C ASP A 95 -7.34 4.19 -36.73
N PRO A 96 -8.31 4.46 -37.61
CA PRO A 96 -9.48 5.28 -37.28
C PRO A 96 -10.59 4.56 -36.49
N ASP A 97 -10.54 3.23 -36.42
CA ASP A 97 -11.65 2.46 -35.90
C ASP A 97 -11.57 2.25 -34.39
N ARG A 98 -10.79 3.05 -33.71
CA ARG A 98 -10.53 2.84 -32.29
C ARG A 98 -11.66 3.35 -31.41
N GLY A 99 -12.73 3.90 -31.97
CA GLY A 99 -13.83 4.40 -31.14
C GLY A 99 -13.68 5.86 -30.78
N TYR A 100 -13.19 6.65 -31.73
CA TYR A 100 -13.03 8.09 -31.53
C TYR A 100 -14.44 8.70 -31.51
N GLY A 101 -14.58 9.82 -30.83
CA GLY A 101 -15.85 10.56 -30.85
C GLY A 101 -16.08 11.26 -32.17
N ALA A 102 -17.34 11.59 -32.43
CA ALA A 102 -17.72 12.16 -33.69
C ALA A 102 -17.14 13.55 -33.81
N GLY A 103 -17.04 14.26 -32.69
CA GLY A 103 -16.58 15.66 -32.75
C GLY A 103 -15.12 15.75 -33.20
N VAL A 104 -14.29 14.96 -32.56
CA VAL A 104 -12.85 15.05 -32.81
C VAL A 104 -12.46 14.64 -34.25
N ILE A 105 -13.23 13.76 -34.90
CA ILE A 105 -12.85 13.36 -36.25
C ILE A 105 -12.80 14.55 -37.22
N THR A 106 -13.67 15.53 -37.02
CA THR A 106 -13.70 16.71 -37.83
C THR A 106 -12.41 17.50 -37.70
N VAL A 107 -11.89 17.59 -36.48
CA VAL A 107 -10.60 18.22 -36.25
C VAL A 107 -9.52 17.49 -37.01
N PHE A 108 -9.49 16.16 -36.91
CA PHE A 108 -8.44 15.41 -37.60
C PHE A 108 -8.51 15.63 -39.10
N LYS A 109 -9.70 15.67 -39.69
CA LYS A 109 -9.79 15.83 -41.14
C LYS A 109 -9.25 17.19 -41.58
N LYS A 110 -9.52 18.20 -40.78
CA LYS A 110 -9.08 19.56 -41.03
C LYS A 110 -7.56 19.69 -40.85
N LEU A 111 -7.01 18.98 -39.88
CA LEU A 111 -5.57 18.96 -39.64
C LEU A 111 -4.86 18.24 -40.77
N LEU A 112 -5.52 17.30 -41.44
CA LEU A 112 -4.97 16.63 -42.65
C LEU A 112 -5.16 17.46 -43.94
N ASN A 113 -5.94 18.53 -43.88
CA ASN A 113 -5.95 19.48 -44.98
C ASN A 113 -4.55 19.98 -45.28
N PRO A 114 -4.09 19.80 -46.55
CA PRO A 114 -2.75 20.31 -46.86
C PRO A 114 -2.63 21.84 -46.66
N LYS A 115 -3.73 22.58 -46.69
CA LYS A 115 -3.68 24.04 -46.45
C LYS A 115 -3.72 24.47 -44.95
N CYS A 116 -3.71 23.55 -44.00
CA CYS A 116 -3.89 23.98 -42.60
C CYS A 116 -2.59 24.54 -42.07
N ARG A 117 -2.54 25.81 -41.67
CA ARG A 117 -1.31 26.37 -41.10
C ARG A 117 -1.38 26.73 -39.60
N ASP A 118 -2.58 26.89 -39.06
CA ASP A 118 -2.75 27.12 -37.62
C ASP A 118 -3.42 25.89 -37.05
N VAL A 119 -2.63 25.06 -36.37
CA VAL A 119 -3.10 23.74 -35.93
C VAL A 119 -4.13 23.82 -34.79
N TYR A 120 -4.32 25.02 -34.22
CA TYR A 120 -5.40 25.26 -33.24
C TYR A 120 -6.73 25.65 -33.86
N GLU A 121 -6.69 26.05 -35.15
CA GLU A 121 -7.88 26.60 -35.80
C GLU A 121 -9.04 25.59 -35.93
N PRO A 122 -8.77 24.35 -36.37
CA PRO A 122 -9.88 23.39 -36.45
C PRO A 122 -10.65 23.22 -35.14
N ALA A 123 -9.96 23.10 -34.02
CA ALA A 123 -10.60 22.97 -32.72
C ALA A 123 -11.37 24.23 -32.32
N ARG A 124 -10.83 25.41 -32.64
CA ARG A 124 -11.53 26.65 -32.35
CA ARG A 124 -11.51 26.65 -32.33
C ARG A 124 -12.86 26.74 -33.04
N ALA A 125 -12.91 26.19 -34.26
CA ALA A 125 -14.10 26.23 -35.12
C ALA A 125 -15.24 25.28 -34.71
N GLN A 126 -14.95 24.32 -33.83
CA GLN A 126 -15.90 23.33 -33.37
C GLN A 126 -17.01 24.07 -32.62
N PHE A 127 -18.22 23.51 -32.72
CA PHE A 127 -19.40 24.09 -32.08
C PHE A 127 -19.58 25.55 -32.42
N ASN A 128 -19.58 25.86 -33.70
CA ASN A 128 -19.82 27.21 -34.16
C ASN A 128 -18.90 28.21 -33.51
N GLY A 129 -17.64 27.81 -33.35
CA GLY A 129 -16.64 28.73 -32.81
C GLY A 129 -16.52 28.73 -31.30
N LYS A 130 -17.30 27.90 -30.60
CA LYS A 130 -17.29 27.84 -29.13
C LYS A 130 -16.34 26.76 -28.59
N GLY A 131 -16.02 25.79 -29.44
CA GLY A 131 -15.12 24.70 -29.08
C GLY A 131 -15.84 23.55 -28.38
N SER A 132 -15.23 22.39 -28.42
CA SER A 132 -15.75 21.23 -27.73
C SER A 132 -15.43 21.25 -26.23
N TYR A 133 -16.36 20.77 -25.43
CA TYR A 133 -16.17 20.63 -23.98
C TYR A 133 -16.13 19.16 -23.53
N GLY A 134 -15.95 18.22 -24.47
CA GLY A 134 -15.78 16.78 -24.15
C GLY A 134 -14.48 16.51 -23.41
N ASN A 135 -14.35 15.28 -22.92
CA ASN A 135 -13.22 14.84 -22.13
C ASN A 135 -12.03 14.30 -22.93
N GLY A 136 -12.05 14.43 -24.25
CA GLY A 136 -10.93 13.95 -25.09
C GLY A 136 -9.61 14.62 -24.85
N GLY A 137 -9.63 15.89 -24.43
CA GLY A 137 -8.38 16.47 -24.00
C GLY A 137 -7.79 15.88 -22.72
N ALA A 138 -8.66 15.58 -21.77
CA ALA A 138 -8.32 15.02 -20.49
C ALA A 138 -7.92 13.54 -20.51
N MET A 139 -8.55 12.77 -21.38
CA MET A 139 -8.35 11.32 -21.46
C MET A 139 -6.91 10.91 -21.79
N ARG A 140 -6.19 11.82 -22.46
CA ARG A 140 -4.86 11.59 -22.97
C ARG A 140 -3.76 12.39 -22.27
N VAL A 141 -4.11 13.15 -21.22
CA VAL A 141 -3.24 14.25 -20.78
C VAL A 141 -2.14 13.80 -19.78
N ALA A 142 -2.23 12.56 -19.27
CA ALA A 142 -1.31 12.08 -18.25
C ALA A 142 0.15 12.27 -18.61
N GLY A 143 0.49 12.09 -19.89
CA GLY A 143 1.84 12.25 -20.36
C GLY A 143 2.40 13.62 -20.04
N ILE A 144 1.53 14.61 -20.09
CA ILE A 144 2.00 15.98 -19.79
C ILE A 144 2.55 16.04 -18.38
N SER A 145 1.83 15.43 -17.45
CA SER A 145 2.21 15.45 -16.05
C SER A 145 3.45 14.61 -15.76
N LEU A 146 3.73 13.63 -16.63
CA LEU A 146 4.95 12.85 -16.57
C LEU A 146 6.17 13.63 -17.13
N ALA A 147 5.93 14.50 -18.11
CA ALA A 147 7.01 15.26 -18.75
C ALA A 147 7.36 16.57 -18.00
N TYR A 148 6.38 17.18 -17.35
CA TYR A 148 6.56 18.48 -16.73
C TYR A 148 6.31 18.37 -15.23
N SER A 149 7.28 18.77 -14.45
CA SER A 149 7.17 18.59 -13.00
C SER A 149 6.66 19.86 -12.27
N SER A 150 6.72 21.05 -12.90
CA SER A 150 6.20 22.25 -12.22
C SER A 150 4.73 22.36 -12.51
N VAL A 151 3.97 22.76 -11.49
CA VAL A 151 2.50 22.93 -11.64
C VAL A 151 2.20 23.96 -12.74
N GLN A 152 3.02 25.00 -12.83
CA GLN A 152 2.87 26.03 -13.86
C GLN A 152 2.93 25.41 -15.29
N ASP A 153 3.94 24.58 -15.52
CA ASP A 153 4.09 23.89 -16.81
C ASP A 153 2.99 22.87 -17.05
N VAL A 154 2.63 22.13 -15.99
CA VAL A 154 1.58 21.17 -16.12
C VAL A 154 0.33 21.87 -16.62
N GLN A 155 -0.03 23.01 -16.01
CA GLN A 155 -1.26 23.72 -16.42
C GLN A 155 -1.12 24.25 -17.85
N LYS A 156 0.04 24.78 -18.16
CA LYS A 156 0.22 25.43 -19.46
C LYS A 156 0.12 24.40 -20.59
N PHE A 157 0.79 23.28 -20.45
CA PHE A 157 0.85 22.31 -21.55
C PHE A 157 -0.30 21.33 -21.54
N ALA A 158 -0.91 21.09 -20.37
CA ALA A 158 -2.22 20.47 -20.33
C ALA A 158 -3.23 21.30 -21.16
N ARG A 159 -3.22 22.64 -21.00
CA ARG A 159 -4.18 23.50 -21.72
C ARG A 159 -3.90 23.44 -23.20
N LEU A 160 -2.64 23.63 -23.55
CA LEU A 160 -2.26 23.71 -24.94
C LEU A 160 -2.49 22.40 -25.65
N SER A 161 -2.08 21.28 -25.04
CA SER A 161 -2.31 20.00 -25.66
C SER A 161 -3.81 19.73 -25.86
N ALA A 162 -4.63 20.06 -24.85
CA ALA A 162 -6.05 19.89 -24.93
C ALA A 162 -6.66 20.70 -26.05
N GLN A 163 -6.14 21.94 -26.23
CA GLN A 163 -6.72 22.92 -27.16
C GLN A 163 -6.50 22.49 -28.61
N LEU A 164 -5.65 21.50 -28.85
CA LEU A 164 -5.49 20.99 -30.22
C LEU A 164 -6.81 20.32 -30.71
N THR A 165 -7.62 19.88 -29.77
CA THR A 165 -8.91 19.25 -30.10
C THR A 165 -10.13 19.84 -29.38
N HIS A 166 -9.91 20.41 -28.18
CA HIS A 166 -10.99 20.87 -27.31
C HIS A 166 -10.74 22.31 -26.86
N ALA A 167 -11.29 23.23 -27.64
CA ALA A 167 -11.05 24.64 -27.53
C ALA A 167 -11.88 25.35 -26.51
N SER A 168 -13.00 24.77 -26.08
CA SER A 168 -13.81 25.35 -24.99
C SER A 168 -13.03 25.25 -23.70
N SER A 169 -13.06 26.27 -22.88
CA SER A 169 -12.45 26.18 -21.55
C SER A 169 -13.06 25.08 -20.73
N LEU A 170 -14.34 24.79 -20.96
CA LEU A 170 -14.99 23.68 -20.27
C LEU A 170 -14.31 22.38 -20.62
N GLY A 171 -13.75 22.28 -21.82
CA GLY A 171 -12.95 21.13 -22.19
C GLY A 171 -11.50 21.20 -21.71
N TYR A 172 -10.80 22.28 -21.99
CA TYR A 172 -9.41 22.35 -21.61
C TYR A 172 -9.22 22.48 -20.10
N ASN A 173 -10.14 23.12 -19.37
CA ASN A 173 -10.00 23.16 -17.92
C ASN A 173 -10.15 21.75 -17.31
N GLY A 174 -10.92 20.88 -17.95
CA GLY A 174 -11.05 19.50 -17.44
C GLY A 174 -9.71 18.76 -17.67
N ALA A 175 -9.09 19.01 -18.82
CA ALA A 175 -7.73 18.52 -19.07
C ALA A 175 -6.72 18.99 -18.04
N ILE A 176 -6.77 20.25 -17.67
CA ILE A 176 -5.84 20.81 -16.67
C ILE A 176 -6.10 20.10 -15.35
N LEU A 177 -7.37 19.89 -15.04
CA LEU A 177 -7.73 19.29 -13.71
C LEU A 177 -7.18 17.89 -13.62
N GLN A 178 -7.39 17.13 -14.69
CA GLN A 178 -6.87 15.79 -14.75
C GLN A 178 -5.33 15.74 -14.65
N ALA A 179 -4.67 16.58 -15.42
CA ALA A 179 -3.23 16.66 -15.37
C ALA A 179 -2.75 17.03 -13.97
N LEU A 180 -3.46 17.93 -13.30
CA LEU A 180 -3.06 18.31 -11.94
C LEU A 180 -3.28 17.17 -10.95
N ALA A 181 -4.34 16.39 -11.13
CA ALA A 181 -4.63 15.24 -10.30
C ALA A 181 -3.50 14.19 -10.46
N VAL A 182 -3.12 13.91 -11.70
CA VAL A 182 -2.04 12.96 -11.97
C VAL A 182 -0.76 13.54 -11.36
N HIS A 183 -0.52 14.82 -11.58
CA HIS A 183 0.63 15.47 -10.97
C HIS A 183 0.71 15.34 -9.44
N LEU A 184 -0.39 15.55 -8.74
CA LEU A 184 -0.37 15.43 -7.30
C LEU A 184 -0.15 13.98 -6.89
N ALA A 185 -0.75 13.05 -7.65
CA ALA A 185 -0.57 11.62 -7.36
C ALA A 185 0.90 11.18 -7.50
N LEU A 186 1.57 11.66 -8.55
CA LEU A 186 3.02 11.44 -8.77
C LEU A 186 3.91 11.98 -7.70
N GLN A 187 3.46 13.04 -7.00
CA GLN A 187 4.20 13.60 -5.88
C GLN A 187 4.00 12.73 -4.67
N GLY A 188 2.91 11.97 -4.63
CA GLY A 188 2.58 11.09 -3.52
C GLY A 188 2.08 11.92 -2.35
N VAL A 189 1.08 12.75 -2.66
CA VAL A 189 0.87 14.07 -1.97
C VAL A 189 0.20 13.87 -0.64
N SER A 190 -1.11 14.00 -0.75
CA SER A 190 -2.06 12.93 -0.44
C SER A 190 -2.18 12.57 0.99
N SER A 191 -2.79 13.50 1.71
CA SER A 191 -3.96 13.14 2.48
C SER A 191 -5.05 13.37 1.42
N SER A 192 -6.16 12.66 1.55
CA SER A 192 -7.29 12.81 0.64
C SER A 192 -7.82 14.26 0.70
N GLU A 193 -7.96 14.74 1.93
CA GLU A 193 -8.44 16.07 2.17
C GLU A 193 -7.56 17.13 1.50
N HIS A 194 -6.24 16.99 1.63
CA HIS A 194 -5.32 17.98 1.07
C HIS A 194 -5.20 17.88 -0.45
N PHE A 195 -5.33 16.67 -0.99
CA PHE A 195 -5.32 16.44 -2.41
C PHE A 195 -6.49 17.21 -3.09
N LEU A 196 -7.70 17.02 -2.58
CA LEU A 196 -8.89 17.78 -3.01
C LEU A 196 -8.74 19.29 -2.86
N GLU A 197 -8.29 19.73 -1.69
CA GLU A 197 -8.12 21.15 -1.39
C GLU A 197 -7.30 21.84 -2.46
N GLN A 198 -6.15 21.24 -2.76
CA GLN A 198 -5.22 21.80 -3.72
C GLN A 198 -5.87 21.89 -5.10
N LEU A 199 -6.57 20.85 -5.52
CA LEU A 199 -7.20 20.85 -6.84
C LEU A 199 -8.28 21.92 -6.85
N LEU A 200 -9.11 21.94 -5.80
CA LEU A 200 -10.17 22.96 -5.65
C LEU A 200 -9.55 24.34 -5.77
N GLY A 201 -8.43 24.60 -5.10
CA GLY A 201 -7.71 25.87 -5.18
C GLY A 201 -7.28 26.27 -6.59
N HIS A 202 -6.81 25.32 -7.40
CA HIS A 202 -6.31 25.65 -8.72
C HIS A 202 -7.51 25.98 -9.61
N MET A 203 -8.57 25.17 -9.51
CA MET A 203 -9.77 25.34 -10.33
C MET A 203 -10.49 26.65 -9.98
N GLU A 204 -10.54 27.01 -8.70
CA GLU A 204 -11.19 28.27 -8.32
C GLU A 204 -10.53 29.46 -9.04
N GLU A 205 -9.21 29.40 -9.15
CA GLU A 205 -8.43 30.41 -9.85
C GLU A 205 -8.60 30.34 -11.38
N LEU A 206 -8.49 29.15 -11.93
CA LEU A 206 -8.64 29.02 -13.40
C LEU A 206 -10.07 29.34 -13.86
N GLU A 207 -11.09 28.99 -13.07
CA GLU A 207 -12.49 29.18 -13.47
C GLU A 207 -12.97 30.60 -13.24
N GLY A 208 -12.07 31.44 -12.73
CA GLY A 208 -12.36 32.83 -12.50
C GLY A 208 -11.91 33.75 -13.63
N ASP A 209 -11.26 33.21 -14.63
CA ASP A 209 -10.82 33.94 -15.82
C ASP A 209 -12.04 34.23 -16.73
N ALA A 210 -12.07 35.39 -17.37
CA ALA A 210 -13.17 35.76 -18.29
C ALA A 210 -13.60 34.63 -19.24
N GLN A 211 -12.64 33.94 -19.85
CA GLN A 211 -12.98 32.91 -20.83
C GLN A 211 -13.74 31.75 -20.20
N SER A 212 -13.33 31.36 -18.99
CA SER A 212 -13.95 30.27 -18.27
C SER A 212 -15.41 30.67 -17.97
N VAL A 213 -15.62 31.89 -17.50
CA VAL A 213 -16.92 32.35 -17.08
C VAL A 213 -17.84 32.48 -18.29
N LEU A 214 -17.31 33.08 -19.35
CA LEU A 214 -18.01 33.24 -20.64
C LEU A 214 -18.42 31.89 -21.20
N ASP A 215 -17.50 30.94 -21.25
CA ASP A 215 -17.85 29.61 -21.79
C ASP A 215 -18.95 28.88 -21.00
N ALA A 216 -18.92 28.90 -19.66
CA ALA A 216 -19.93 28.24 -18.84
C ALA A 216 -21.30 28.87 -19.11
N LYS A 217 -21.33 30.20 -19.05
CA LYS A 217 -22.52 31.03 -19.21
C LYS A 217 -23.22 30.70 -20.50
N GLU A 218 -22.45 30.62 -21.59
CA GLU A 218 -23.01 30.39 -22.92
C GLU A 218 -23.40 28.92 -23.16
N LEU A 219 -23.14 28.07 -22.17
CA LEU A 219 -23.65 26.70 -22.11
C LEU A 219 -24.85 26.58 -21.16
N GLY A 220 -25.13 27.64 -20.39
CA GLY A 220 -26.23 27.63 -19.43
C GLY A 220 -25.91 27.11 -18.04
N MET A 221 -24.63 26.80 -17.78
CA MET A 221 -24.23 26.26 -16.47
C MET A 221 -23.94 27.38 -15.48
N GLU A 222 -23.96 27.09 -14.16
CA GLU A 222 -23.85 28.19 -13.14
C GLU A 222 -22.40 28.38 -12.68
N GLU A 223 -21.61 29.10 -13.49
CA GLU A 223 -20.11 29.04 -13.56
C GLU A 223 -19.41 28.13 -12.55
N ARG A 224 -18.10 28.06 -12.68
CA ARG A 224 -17.30 27.22 -11.84
C ARG A 224 -17.83 25.79 -11.78
N PRO A 225 -18.12 25.17 -12.94
CA PRO A 225 -18.55 23.78 -12.94
C PRO A 225 -17.55 22.81 -12.29
N TYR A 226 -16.25 23.05 -12.45
CA TYR A 226 -15.28 22.15 -11.86
C TYR A 226 -15.20 22.36 -10.34
N SER A 227 -15.15 23.64 -9.95
CA SER A 227 -15.03 24.00 -8.54
C SER A 227 -16.25 23.55 -7.76
N SER A 228 -17.47 23.72 -8.30
CA SER A 228 -18.66 23.34 -7.56
C SER A 228 -18.67 21.83 -7.43
N ARG A 229 -18.18 21.13 -8.45
CA ARG A 229 -18.16 19.67 -8.38
C ARG A 229 -17.10 19.13 -7.45
N LEU A 230 -15.97 19.81 -7.35
CA LEU A 230 -14.91 19.38 -6.42
C LEU A 230 -15.33 19.62 -4.97
N LYS A 231 -16.11 20.68 -4.75
CA LYS A 231 -16.79 20.87 -3.47
C LYS A 231 -17.75 19.70 -3.20
N LYS A 232 -18.53 19.29 -4.20
CA LYS A 232 -19.46 18.16 -4.08
C LYS A 232 -18.72 16.85 -3.82
N VAL A 233 -17.57 16.68 -4.46
CA VAL A 233 -16.73 15.49 -4.22
C VAL A 233 -16.41 15.42 -2.73
N GLY A 234 -16.04 16.56 -2.13
CA GLY A 234 -15.67 16.61 -0.72
C GLY A 234 -16.85 16.25 0.15
N GLU A 235 -17.97 16.86 -0.19
CA GLU A 235 -19.23 16.62 0.49
C GLU A 235 -19.61 15.14 0.45
N LEU A 236 -19.57 14.55 -0.73
CA LEU A 236 -19.81 13.10 -0.89
C LEU A 236 -18.81 12.28 -0.07
N LEU A 237 -17.54 12.68 -0.05
CA LEU A 237 -16.55 11.94 0.68
C LEU A 237 -16.80 12.02 2.18
N ASP A 238 -17.43 13.09 2.65
CA ASP A 238 -17.79 13.25 4.09
C ASP A 238 -19.05 12.49 4.50
N GLN A 239 -19.74 11.92 3.52
CA GLN A 239 -20.90 11.09 3.78
C GLN A 239 -20.49 9.67 4.08
N ASP A 240 -21.13 9.12 5.11
CA ASP A 240 -20.95 7.73 5.51
C ASP A 240 -21.25 6.79 4.36
N VAL A 241 -22.43 6.96 3.74
CA VAL A 241 -22.81 6.16 2.56
C VAL A 241 -23.40 7.04 1.47
N VAL A 242 -22.91 6.83 0.24
CA VAL A 242 -23.46 7.47 -0.94
C VAL A 242 -23.68 6.37 -1.96
N SER A 243 -24.85 6.31 -2.56
CA SER A 243 -25.14 5.30 -3.55
C SER A 243 -24.45 5.70 -4.84
N ARG A 244 -24.26 4.74 -5.74
CA ARG A 244 -23.70 5.02 -7.06
C ARG A 244 -24.57 6.03 -7.83
N GLU A 245 -25.88 5.86 -7.71
CA GLU A 245 -26.85 6.73 -8.35
C GLU A 245 -26.71 8.19 -7.87
N GLU A 246 -26.49 8.36 -6.58
CA GLU A 246 -26.22 9.65 -5.97
C GLU A 246 -24.92 10.27 -6.52
N VAL A 247 -23.87 9.45 -6.68
CA VAL A 247 -22.59 9.99 -7.18
C VAL A 247 -22.80 10.53 -8.61
N VAL A 248 -23.44 9.70 -9.41
CA VAL A 248 -23.75 10.07 -10.80
C VAL A 248 -24.66 11.29 -10.89
N SER A 249 -25.69 11.34 -10.04
CA SER A 249 -26.58 12.50 -10.03
C SER A 249 -25.81 13.80 -9.70
N GLU A 250 -24.87 13.73 -8.75
CA GLU A 250 -24.17 14.94 -8.31
C GLU A 250 -23.02 15.34 -9.21
N LEU A 251 -22.26 14.37 -9.75
CA LEU A 251 -21.02 14.64 -10.45
C LEU A 251 -21.11 14.34 -11.96
N GLY A 252 -21.95 13.36 -12.35
CA GLY A 252 -22.05 12.94 -13.75
C GLY A 252 -21.23 11.69 -14.08
N ASN A 253 -21.49 11.15 -15.29
CA ASN A 253 -20.78 10.03 -15.82
C ASN A 253 -20.74 10.12 -17.34
N GLY A 254 -20.59 11.32 -17.84
CA GLY A 254 -20.68 11.58 -19.27
C GLY A 254 -19.44 12.01 -19.98
N ILE A 255 -19.64 12.26 -21.26
CA ILE A 255 -18.57 12.65 -22.13
C ILE A 255 -18.06 14.08 -21.84
N ALA A 256 -18.94 14.99 -21.40
CA ALA A 256 -18.53 16.35 -20.97
C ALA A 256 -17.46 16.22 -19.94
N ALA A 257 -16.38 16.99 -20.08
CA ALA A 257 -15.23 16.88 -19.17
C ALA A 257 -15.63 17.17 -17.74
N PHE A 258 -16.56 18.10 -17.55
CA PHE A 258 -17.05 18.41 -16.21
C PHE A 258 -17.94 17.34 -15.65
N GLU A 259 -18.38 16.39 -16.50
CA GLU A 259 -19.21 15.27 -16.03
C GLU A 259 -18.45 13.94 -15.96
N SER A 260 -17.13 14.03 -16.11
CA SER A 260 -16.22 12.89 -16.00
C SER A 260 -14.94 13.12 -15.19
N VAL A 261 -14.32 14.29 -15.24
CA VAL A 261 -13.04 14.41 -14.56
C VAL A 261 -13.26 14.42 -13.03
N PRO A 262 -14.16 15.28 -12.54
CA PRO A 262 -14.42 15.21 -11.08
C PRO A 262 -14.84 13.82 -10.58
N THR A 263 -15.62 13.14 -11.40
CA THR A 263 -16.07 11.82 -11.10
C THR A 263 -14.88 10.87 -10.99
N ALA A 264 -13.98 10.91 -11.97
CA ALA A 264 -12.72 10.15 -11.90
C ALA A 264 -11.98 10.40 -10.58
N ILE A 265 -11.89 11.68 -10.20
CA ILE A 265 -11.22 12.06 -8.94
C ILE A 265 -11.93 11.50 -7.70
N TYR A 266 -13.27 11.59 -7.68
CA TYR A 266 -14.00 11.04 -6.57
C TYR A 266 -13.72 9.54 -6.45
N CYS A 267 -13.74 8.84 -7.60
CA CYS A 267 -13.48 7.38 -7.60
C CYS A 267 -12.13 7.08 -6.94
N PHE A 268 -11.09 7.79 -7.40
CA PHE A 268 -9.74 7.68 -6.82
C PHE A 268 -9.73 7.90 -5.31
N LEU A 269 -10.29 9.02 -4.86
CA LEU A 269 -10.23 9.34 -3.47
C LEU A 269 -11.07 8.36 -2.68
N ARG A 270 -12.26 8.02 -3.20
CA ARG A 270 -13.18 7.17 -2.45
C ARG A 270 -12.58 5.79 -2.26
N CYS A 271 -11.90 5.29 -3.29
CA CYS A 271 -11.44 3.91 -3.27
C CYS A 271 -10.09 3.76 -2.58
N MET A 272 -9.59 4.84 -1.98
CA MET A 272 -8.51 4.73 -0.97
C MET A 272 -8.94 3.89 0.22
N GLU A 273 -10.25 3.75 0.42
CA GLU A 273 -10.81 2.96 1.50
C GLU A 273 -11.61 1.82 0.91
N PRO A 274 -11.87 0.78 1.71
CA PRO A 274 -12.64 -0.35 1.22
C PRO A 274 -14.04 0.00 0.76
N HIS A 275 -14.57 -0.82 -0.14
CA HIS A 275 -15.96 -0.75 -0.55
C HIS A 275 -16.67 -2.03 -0.14
N PRO A 276 -17.86 -1.91 0.47
CA PRO A 276 -18.52 -3.12 1.03
C PRO A 276 -18.92 -4.17 -0.02
N GLU A 277 -19.01 -3.78 -1.28
CA GLU A 277 -19.38 -4.70 -2.35
C GLU A 277 -18.20 -5.09 -3.22
N ILE A 278 -17.01 -4.62 -2.88
CA ILE A 278 -15.82 -5.05 -3.62
C ILE A 278 -14.92 -5.86 -2.72
N PRO A 279 -14.79 -7.16 -3.02
CA PRO A 279 -13.98 -8.08 -2.24
C PRO A 279 -12.58 -7.54 -1.92
N SER A 280 -12.12 -7.86 -0.70
CA SER A 280 -10.85 -7.31 -0.23
C SER A 280 -9.68 -7.96 -0.90
N THR A 281 -9.94 -8.99 -1.70
CA THR A 281 -8.88 -9.64 -2.48
C THR A 281 -8.35 -8.71 -3.58
N PHE A 282 -9.12 -7.69 -3.93
CA PHE A 282 -8.70 -6.69 -4.89
C PHE A 282 -7.90 -5.59 -4.18
N ASN A 283 -6.85 -5.11 -4.83
CA ASN A 283 -6.05 -4.04 -4.24
C ASN A 283 -6.71 -2.71 -4.51
N SER A 284 -6.10 -1.62 -4.06
CA SER A 284 -6.72 -0.33 -4.15
C SER A 284 -6.86 0.16 -5.60
N LEU A 285 -5.88 -0.17 -6.42
CA LEU A 285 -5.94 0.20 -7.83
C LEU A 285 -7.07 -0.54 -8.52
N GLN A 286 -7.16 -1.83 -8.24
CA GLN A 286 -8.21 -2.63 -8.81
C GLN A 286 -9.60 -2.12 -8.37
N ARG A 287 -9.75 -1.87 -7.06
CA ARG A 287 -11.00 -1.37 -6.48
CA ARG A 287 -10.99 -1.36 -6.49
C ARG A 287 -11.45 -0.08 -7.16
N THR A 288 -10.51 0.85 -7.35
CA THR A 288 -10.79 2.11 -8.05
C THR A 288 -11.36 1.86 -9.46
N LEU A 289 -10.79 0.96 -10.22
CA LEU A 289 -11.24 0.76 -11.59
C LEU A 289 -12.62 0.06 -11.67
N ILE A 290 -12.84 -0.92 -10.78
CA ILE A 290 -14.09 -1.69 -10.75
C ILE A 290 -15.17 -0.70 -10.40
N TYR A 291 -14.90 0.09 -9.37
CA TYR A 291 -15.86 1.07 -8.91
C TYR A 291 -16.20 2.08 -9.97
N SER A 292 -15.21 2.69 -10.55
CA SER A 292 -15.42 3.70 -11.58
C SER A 292 -16.24 3.09 -12.76
N ILE A 293 -15.89 1.89 -13.19
CA ILE A 293 -16.66 1.26 -14.31
C ILE A 293 -18.12 1.01 -13.94
N SER A 294 -18.35 0.68 -12.67
CA SER A 294 -19.71 0.40 -12.15
C SER A 294 -20.62 1.64 -12.10
N LEU A 295 -20.03 2.82 -12.28
CA LEU A 295 -20.84 4.02 -12.42
C LEU A 295 -21.52 4.09 -13.80
N GLY A 296 -21.06 3.32 -14.77
CA GLY A 296 -21.74 3.33 -16.08
C GLY A 296 -21.44 4.62 -16.84
N GLY A 297 -22.13 4.83 -17.95
CA GLY A 297 -21.83 6.01 -18.73
C GLY A 297 -20.55 5.89 -19.56
N ASP A 298 -19.71 6.93 -19.53
CA ASP A 298 -18.47 6.97 -20.30
C ASP A 298 -17.38 6.18 -19.56
N THR A 299 -17.59 4.87 -19.49
CA THR A 299 -16.82 4.02 -18.58
C THR A 299 -15.34 3.91 -19.01
N ASP A 300 -15.03 3.84 -20.30
CA ASP A 300 -13.62 3.68 -20.68
C ASP A 300 -12.89 4.93 -20.26
N THR A 301 -13.52 6.08 -20.43
CA THR A 301 -12.83 7.33 -20.22
C THR A 301 -12.76 7.72 -18.75
N ILE A 302 -13.81 7.46 -18.02
CA ILE A 302 -13.80 7.77 -16.59
C ILE A 302 -12.75 6.83 -15.95
N ALA A 303 -12.76 5.55 -16.34
CA ALA A 303 -11.82 4.57 -15.79
C ALA A 303 -10.31 4.84 -16.19
N THR A 304 -10.06 5.24 -17.43
CA THR A 304 -8.75 5.59 -17.88
C THR A 304 -8.22 6.79 -17.12
N MET A 305 -9.09 7.73 -16.78
CA MET A 305 -8.64 8.85 -16.00
C MET A 305 -8.43 8.50 -14.55
N ALA A 306 -9.38 7.78 -13.95
CA ALA A 306 -9.19 7.33 -12.58
C ALA A 306 -7.93 6.44 -12.49
N GLY A 307 -7.72 5.58 -13.49
CA GLY A 307 -6.58 4.65 -13.53
C GLY A 307 -5.25 5.38 -13.63
N ALA A 308 -5.24 6.49 -14.34
CA ALA A 308 -4.07 7.32 -14.46
C ALA A 308 -3.66 7.85 -13.13
N ILE A 309 -4.61 8.41 -12.43
CA ILE A 309 -4.34 9.03 -11.11
C ILE A 309 -3.93 7.93 -10.15
N ALA A 310 -4.68 6.85 -10.16
CA ALA A 310 -4.42 5.77 -9.23
C ALA A 310 -3.09 5.07 -9.52
N GLY A 311 -2.77 4.83 -10.79
CA GLY A 311 -1.51 4.20 -11.13
C GLY A 311 -0.32 5.03 -10.70
N ALA A 312 -0.43 6.34 -10.84
CA ALA A 312 0.60 7.29 -10.43
C ALA A 312 0.81 7.25 -8.92
N TYR A 313 -0.29 7.13 -8.19
CA TYR A 313 -0.26 7.11 -6.72
C TYR A 313 0.17 5.79 -6.13
N TYR A 314 -0.33 4.69 -6.67
CA TYR A 314 -0.02 3.35 -6.14
C TYR A 314 1.18 2.66 -6.80
N GLY A 315 1.47 3.04 -8.04
CA GLY A 315 2.66 2.55 -8.75
C GLY A 315 2.50 1.14 -9.27
N MET A 316 3.58 0.57 -9.86
CA MET A 316 3.48 -0.74 -10.55
C MET A 316 3.16 -1.87 -9.63
N GLU A 317 3.43 -1.71 -8.33
CA GLU A 317 3.16 -2.78 -7.39
C GLU A 317 1.70 -3.14 -7.25
N GLN A 318 0.83 -2.23 -7.63
CA GLN A 318 -0.61 -2.53 -7.60
C GLN A 318 -1.19 -2.81 -8.98
N VAL A 319 -0.35 -2.78 -10.02
CA VAL A 319 -0.81 -3.21 -11.36
C VAL A 319 -0.87 -4.74 -11.41
N PRO A 320 -2.09 -5.31 -11.53
CA PRO A 320 -2.19 -6.76 -11.53
C PRO A 320 -1.70 -7.37 -12.81
N GLU A 321 -0.84 -8.38 -12.68
CA GLU A 321 -0.25 -9.02 -13.85
C GLU A 321 -1.30 -9.62 -14.75
N SER A 322 -2.31 -10.28 -14.18
CA SER A 322 -3.32 -10.95 -15.00
C SER A 322 -4.12 -9.93 -15.82
N TRP A 323 -4.44 -8.77 -15.24
CA TRP A 323 -5.15 -7.74 -15.96
C TRP A 323 -4.23 -7.09 -16.99
N GLN A 324 -3.03 -6.70 -16.55
CA GLN A 324 -2.09 -6.00 -17.41
C GLN A 324 -1.83 -6.81 -18.65
N GLN A 325 -1.57 -8.09 -18.49
CA GLN A 325 -1.16 -8.93 -19.64
C GLN A 325 -2.36 -9.26 -20.52
N SER A 326 -3.55 -8.90 -20.06
CA SER A 326 -4.78 -8.97 -20.91
C SER A 326 -4.97 -7.75 -21.82
N CYS A 327 -4.23 -6.67 -21.56
CA CYS A 327 -4.39 -5.43 -22.30
C CYS A 327 -3.49 -5.35 -23.51
N GLU A 328 -4.10 -5.01 -24.65
CA GLU A 328 -3.36 -4.74 -25.86
C GLU A 328 -2.30 -3.68 -25.61
N GLY A 329 -1.08 -3.98 -26.04
CA GLY A 329 0.02 -3.00 -26.00
C GLY A 329 0.59 -2.65 -24.62
N PHE A 330 0.37 -3.52 -23.62
CA PHE A 330 0.88 -3.17 -22.27
C PHE A 330 2.39 -3.03 -22.26
N GLU A 331 3.10 -3.82 -23.08
CA GLU A 331 4.56 -3.71 -23.15
C GLU A 331 5.01 -2.39 -23.78
N GLU A 332 4.29 -1.96 -24.81
CA GLU A 332 4.60 -0.73 -25.52
C GLU A 332 4.32 0.46 -24.63
N THR A 333 3.21 0.42 -23.94
CA THR A 333 2.82 1.39 -22.93
C THR A 333 3.93 1.51 -21.87
N ASP A 334 4.42 0.39 -21.38
CA ASP A 334 5.47 0.42 -20.34
C ASP A 334 6.75 1.11 -20.82
N VAL A 335 7.19 0.77 -22.04
CA VAL A 335 8.37 1.40 -22.60
C VAL A 335 8.19 2.91 -22.73
N LEU A 336 7.01 3.38 -23.13
CA LEU A 336 6.75 4.81 -23.30
C LEU A 336 6.92 5.50 -21.93
N ALA A 337 6.45 4.83 -20.89
CA ALA A 337 6.52 5.36 -19.51
C ALA A 337 7.93 5.48 -19.05
N GLN A 338 8.73 4.44 -19.28
CA GLN A 338 10.14 4.44 -18.95
C GLN A 338 10.88 5.50 -19.70
N SER A 339 10.55 5.69 -20.98
CA SER A 339 11.22 6.68 -21.82
C SER A 339 10.92 8.09 -21.36
N LEU A 340 9.67 8.36 -21.03
CA LEU A 340 9.31 9.64 -20.43
C LEU A 340 10.18 9.90 -19.18
N HIS A 341 10.34 8.87 -18.35
CA HIS A 341 11.12 9.07 -17.14
C HIS A 341 12.58 9.36 -17.49
N ARG A 342 13.12 8.62 -18.45
CA ARG A 342 14.48 8.84 -18.88
C ARG A 342 14.69 10.23 -19.44
N VAL A 343 13.79 10.67 -20.30
CA VAL A 343 13.97 11.92 -21.03
C VAL A 343 13.71 13.15 -20.18
N PHE A 344 12.71 13.07 -19.33
CA PHE A 344 12.22 14.22 -18.59
C PHE A 344 12.53 14.19 -17.11
N GLN A 345 12.62 13.02 -16.47
CA GLN A 345 12.66 12.97 -14.99
C GLN A 345 14.01 12.64 -14.37
N GLU A 346 14.75 11.75 -15.00
CA GLU A 346 16.10 11.42 -14.60
C GLU A 346 17.01 12.64 -14.48
N SER A 347 17.84 12.72 -13.43
CA SER A 347 18.78 13.82 -13.32
C SER A 347 19.94 13.59 -14.29
N MET B 1 30.10 -8.30 9.28
CA MET B 1 29.53 -8.41 10.65
C MET B 1 29.60 -9.86 11.10
N ALA B 2 29.99 -10.09 12.35
CA ALA B 2 29.96 -11.44 12.91
C ALA B 2 28.55 -11.89 13.31
N SER B 3 28.24 -13.15 13.06
CA SER B 3 26.98 -13.70 13.47
C SER B 3 26.79 -13.50 14.98
N ILE B 4 27.82 -13.60 15.81
CA ILE B 4 27.57 -13.46 17.26
C ILE B 4 27.03 -12.07 17.58
N SER B 5 27.41 -11.05 16.81
CA SER B 5 26.87 -9.70 17.00
C SER B 5 25.37 -9.62 16.66
N ARG B 6 24.93 -10.38 15.65
CA ARG B 6 23.52 -10.47 15.29
C ARG B 6 22.73 -11.21 16.36
N PHE B 7 23.32 -12.25 16.94
CA PHE B 7 22.63 -13.01 17.99
C PHE B 7 22.38 -12.14 19.22
N ARG B 8 23.44 -11.53 19.70
CA ARG B 8 23.38 -10.57 20.81
C ARG B 8 22.43 -9.41 20.47
N GLY B 9 22.55 -8.88 19.26
CA GLY B 9 21.71 -7.80 18.82
C GLY B 9 20.23 -8.18 18.74
N CYS B 10 19.95 -9.41 18.31
CA CYS B 10 18.57 -9.89 18.21
C CYS B 10 17.88 -9.86 19.57
N LEU B 11 18.46 -10.55 20.52
CA LEU B 11 17.89 -10.61 21.87
C LEU B 11 17.93 -9.25 22.58
N ALA B 12 18.95 -8.43 22.32
CA ALA B 12 18.97 -7.08 22.88
C ALA B 12 17.84 -6.24 22.32
N GLY B 13 17.62 -6.28 20.99
CA GLY B 13 16.54 -5.54 20.41
C GLY B 13 15.18 -6.02 20.93
N ALA B 14 15.02 -7.33 21.12
CA ALA B 14 13.78 -7.83 21.64
C ALA B 14 13.55 -7.27 23.05
N LEU B 15 14.59 -7.31 23.88
CA LEU B 15 14.46 -6.86 25.27
C LEU B 15 14.17 -5.36 25.30
N LEU B 16 14.82 -4.60 24.42
CA LEU B 16 14.54 -3.17 24.34
C LEU B 16 13.08 -2.86 23.95
N GLY B 17 12.57 -3.54 22.92
CA GLY B 17 11.17 -3.38 22.47
C GLY B 17 10.21 -3.55 23.65
N ASP B 18 10.45 -4.58 24.43
CA ASP B 18 9.54 -4.97 25.50
C ASP B 18 9.66 -3.94 26.64
N CYS B 19 10.89 -3.65 27.03
CA CYS B 19 11.18 -2.76 28.14
C CYS B 19 10.73 -1.31 27.88
N VAL B 20 11.11 -0.77 26.74
CA VAL B 20 10.76 0.61 26.36
C VAL B 20 9.27 0.73 26.00
N GLY B 21 8.70 -0.32 25.41
CA GLY B 21 7.28 -0.37 25.01
C GLY B 21 6.31 -0.55 26.16
N ALA B 22 6.80 -1.09 27.28
CA ALA B 22 5.91 -1.55 28.35
C ALA B 22 4.93 -0.46 28.83
N VAL B 23 5.42 0.77 29.12
CA VAL B 23 4.53 1.79 29.73
C VAL B 23 3.33 2.13 28.86
N TYR B 24 3.47 2.01 27.53
CA TYR B 24 2.39 2.36 26.60
C TYR B 24 1.43 1.20 26.22
N GLU B 25 1.64 0.01 26.79
CA GLU B 25 0.85 -1.13 26.36
C GLU B 25 -0.66 -0.86 26.53
N ALA B 26 -1.40 -1.14 25.45
CA ALA B 26 -2.85 -0.97 25.37
C ALA B 26 -3.29 0.51 25.23
N HIS B 27 -2.34 1.46 25.18
CA HIS B 27 -2.71 2.87 24.99
C HIS B 27 -3.19 3.05 23.57
N ASP B 28 -4.35 3.66 23.35
CA ASP B 28 -4.87 3.70 21.98
C ASP B 28 -4.05 4.64 21.10
N THR B 29 -3.56 5.73 21.69
CA THR B 29 -2.66 6.65 21.02
C THR B 29 -1.41 6.93 21.85
N VAL B 30 -0.31 7.10 21.14
CA VAL B 30 0.95 7.40 21.75
C VAL B 30 1.55 8.50 20.89
N SER B 31 1.78 9.67 21.48
CA SER B 31 2.38 10.75 20.69
C SER B 31 3.87 10.49 20.48
N LEU B 32 4.38 10.90 19.32
CA LEU B 32 5.79 10.78 19.06
C LEU B 32 6.58 11.54 20.16
N ALA B 33 6.14 12.74 20.53
CA ALA B 33 6.87 13.53 21.54
C ALA B 33 7.03 12.73 22.83
N SER B 34 5.99 11.99 23.21
CA SER B 34 6.01 11.15 24.44
C SER B 34 7.08 10.08 24.33
N VAL B 35 7.06 9.33 23.24
CA VAL B 35 8.01 8.23 23.10
C VAL B 35 9.44 8.79 23.09
N LEU B 36 9.66 9.92 22.42
CA LEU B 36 10.99 10.54 22.35
C LEU B 36 11.47 11.04 23.73
N SER B 37 10.58 11.60 24.54
CA SER B 37 10.95 11.88 25.94
C SER B 37 11.23 10.63 26.73
N HIS B 38 10.50 9.55 26.45
CA HIS B 38 10.71 8.26 27.12
C HIS B 38 12.16 7.80 26.87
N VAL B 39 12.56 7.71 25.62
CA VAL B 39 13.88 7.16 25.30
C VAL B 39 14.95 8.18 25.72
N GLU B 40 14.66 9.47 25.56
CA GLU B 40 15.57 10.50 26.04
C GLU B 40 15.83 10.39 27.55
N SER B 41 14.88 9.86 28.31
CA SER B 41 15.08 9.68 29.75
C SER B 41 16.15 8.64 30.07
N LEU B 42 16.48 7.80 29.10
CA LEU B 42 17.52 6.79 29.26
C LEU B 42 18.94 7.39 29.17
N GLU B 43 19.09 8.55 28.53
CA GLU B 43 20.41 9.14 28.28
C GLU B 43 20.90 9.81 29.52
N PRO B 44 22.23 9.87 29.76
CA PRO B 44 22.73 10.67 30.88
C PRO B 44 22.63 12.16 30.61
N GLU B 55 14.99 4.48 38.37
CA GLU B 55 14.61 3.08 38.15
C GLU B 55 15.09 2.61 36.80
N THR B 56 15.18 1.30 36.65
CA THR B 56 15.44 0.69 35.36
C THR B 56 14.11 0.27 34.72
N LEU B 57 14.14 -0.10 33.43
CA LEU B 57 12.95 -0.53 32.72
C LEU B 57 12.76 -2.03 32.90
N TYR B 58 11.64 -2.43 33.49
CA TYR B 58 11.37 -3.82 33.75
C TYR B 58 10.75 -4.48 32.57
N TYR B 59 11.03 -5.78 32.39
CA TYR B 59 10.52 -6.47 31.22
C TYR B 59 9.13 -7.08 31.54
N THR B 60 8.50 -7.62 30.53
CA THR B 60 7.17 -8.16 30.68
C THR B 60 7.14 -9.62 30.27
N ASP B 61 5.93 -10.17 30.14
CA ASP B 61 5.75 -11.54 29.65
C ASP B 61 6.48 -11.88 28.37
N ASP B 62 6.59 -10.92 27.47
CA ASP B 62 7.23 -11.17 26.18
C ASP B 62 8.66 -11.64 26.43
N THR B 63 9.36 -10.94 27.31
CA THR B 63 10.74 -11.29 27.62
C THR B 63 10.79 -12.54 28.50
N ALA B 64 9.92 -12.60 29.51
CA ALA B 64 9.88 -13.78 30.37
C ALA B 64 9.72 -15.05 29.51
N MET B 65 8.83 -15.03 28.50
CA MET B 65 8.62 -16.23 27.67
C MET B 65 9.78 -16.44 26.71
N THR B 66 10.33 -15.34 26.18
CA THR B 66 11.54 -15.43 25.34
C THR B 66 12.64 -16.20 26.09
N ARG B 67 12.90 -15.79 27.33
CA ARG B 67 13.89 -16.41 28.15
C ARG B 67 13.59 -17.85 28.44
N ALA B 68 12.34 -18.16 28.77
CA ALA B 68 11.96 -19.56 29.01
C ALA B 68 12.16 -20.44 27.75
N LEU B 69 11.80 -19.91 26.59
CA LEU B 69 11.97 -20.66 25.33
C LEU B 69 13.44 -20.90 25.07
N VAL B 70 14.26 -19.88 25.19
CA VAL B 70 15.71 -20.04 25.03
C VAL B 70 16.32 -20.96 26.10
N GLN B 71 15.89 -20.84 27.36
CA GLN B 71 16.32 -21.74 28.41
C GLN B 71 16.08 -23.24 28.07
N SER B 72 14.93 -23.54 27.47
CA SER B 72 14.58 -24.91 27.06
C SER B 72 15.50 -25.38 25.92
N LEU B 73 15.69 -24.52 24.93
CA LEU B 73 16.60 -24.83 23.83
C LEU B 73 18.01 -25.13 24.33
N LEU B 74 18.51 -24.34 25.29
CA LEU B 74 19.86 -24.55 25.81
C LEU B 74 19.97 -25.80 26.66
N ALA B 75 18.94 -26.05 27.46
CA ALA B 75 18.92 -27.20 28.35
C ALA B 75 18.94 -28.51 27.58
N LYS B 76 18.17 -28.58 26.51
CA LYS B 76 18.01 -29.82 25.76
C LYS B 76 18.86 -29.82 24.51
N GLU B 77 19.46 -28.67 24.19
CA GLU B 77 20.18 -28.49 22.94
C GLU B 77 19.32 -28.86 21.72
N ALA B 78 18.02 -28.60 21.82
CA ALA B 78 17.03 -29.01 20.83
C ALA B 78 15.66 -28.47 21.22
N PHE B 79 14.72 -28.42 20.27
CA PHE B 79 13.33 -28.26 20.62
C PHE B 79 12.79 -29.50 21.36
N ASP B 80 12.25 -29.28 22.57
CA ASP B 80 11.64 -30.36 23.35
C ASP B 80 10.34 -29.77 23.89
N GLU B 81 9.22 -30.28 23.39
CA GLU B 81 7.91 -29.65 23.61
C GLU B 81 7.50 -29.74 25.06
N VAL B 82 7.79 -30.85 25.72
CA VAL B 82 7.36 -31.05 27.10
C VAL B 82 8.19 -30.15 28.03
N ASP B 83 9.51 -30.15 27.83
CA ASP B 83 10.42 -29.27 28.58
C ASP B 83 9.95 -27.80 28.52
N MET B 84 9.74 -27.34 27.29
CA MET B 84 9.43 -25.94 27.03
C MET B 84 8.08 -25.54 27.62
N ALA B 85 7.07 -26.41 27.42
CA ALA B 85 5.72 -26.23 27.97
C ALA B 85 5.78 -26.08 29.47
N HIS B 86 6.50 -27.01 30.12
CA HIS B 86 6.62 -26.98 31.59
C HIS B 86 7.37 -25.73 32.05
N ARG B 87 8.39 -25.33 31.30
CA ARG B 87 9.15 -24.09 31.60
C ARG B 87 8.29 -22.85 31.49
N PHE B 88 7.44 -22.78 30.46
CA PHE B 88 6.50 -21.67 30.34
C PHE B 88 5.63 -21.61 31.59
N ALA B 89 5.06 -22.75 31.93
CA ALA B 89 4.10 -22.78 33.02
C ALA B 89 4.78 -22.46 34.37
N GLN B 90 6.01 -22.94 34.55
CA GLN B 90 6.73 -22.73 35.82
C GLN B 90 7.16 -21.28 35.98
N GLU B 91 7.51 -20.69 34.86
CA GLU B 91 7.94 -19.29 34.85
C GLU B 91 6.77 -18.40 35.21
N TYR B 92 5.59 -18.73 34.68
CA TYR B 92 4.37 -18.03 35.06
C TYR B 92 4.08 -18.20 36.55
N LYS B 93 4.16 -19.43 37.03
CA LYS B 93 3.92 -19.71 38.44
C LYS B 93 4.87 -18.91 39.30
N LYS B 94 6.13 -18.89 38.88
CA LYS B 94 7.21 -18.24 39.62
C LYS B 94 7.03 -16.71 39.64
N ASP B 95 6.70 -16.13 38.49
CA ASP B 95 6.60 -14.69 38.35
C ASP B 95 5.38 -14.34 37.51
N PRO B 96 4.19 -14.45 38.11
CA PRO B 96 2.94 -14.27 37.39
C PRO B 96 2.55 -12.84 37.04
N ASP B 97 3.16 -11.83 37.66
CA ASP B 97 2.68 -10.45 37.47
C ASP B 97 3.39 -9.68 36.36
N ARG B 98 4.03 -10.38 35.44
CA ARG B 98 4.78 -9.71 34.36
C ARG B 98 3.90 -9.09 33.27
N GLY B 99 2.59 -9.26 33.29
CA GLY B 99 1.71 -8.65 32.29
C GLY B 99 1.26 -9.66 31.27
N TYR B 100 1.03 -10.89 31.73
CA TYR B 100 0.53 -11.95 30.85
C TYR B 100 -0.90 -11.67 30.40
N GLY B 101 -1.22 -12.08 29.17
CA GLY B 101 -2.58 -11.98 28.65
C GLY B 101 -3.53 -12.89 29.41
N ALA B 102 -4.76 -12.43 29.59
CA ALA B 102 -5.74 -13.17 30.34
C ALA B 102 -6.01 -14.52 29.68
N GLY B 103 -5.89 -14.63 28.36
CA GLY B 103 -6.21 -15.92 27.72
C GLY B 103 -5.24 -17.06 28.02
N VAL B 104 -3.97 -16.76 27.92
CA VAL B 104 -2.93 -17.79 28.07
C VAL B 104 -2.78 -18.30 29.49
N ILE B 105 -3.19 -17.51 30.48
CA ILE B 105 -3.08 -17.99 31.89
C ILE B 105 -3.80 -19.31 32.14
N THR B 106 -4.98 -19.43 31.56
CA THR B 106 -5.71 -20.68 31.54
C THR B 106 -4.82 -21.87 31.04
N VAL B 107 -4.06 -21.68 29.97
CA VAL B 107 -3.17 -22.74 29.46
C VAL B 107 -2.11 -23.13 30.50
N PHE B 108 -1.46 -22.13 31.09
CA PHE B 108 -0.44 -22.39 32.11
C PHE B 108 -1.00 -23.14 33.30
N LYS B 109 -2.19 -22.74 33.76
CA LYS B 109 -2.78 -23.37 34.92
C LYS B 109 -3.07 -24.87 34.65
N LYS B 110 -3.48 -25.17 33.42
CA LYS B 110 -3.70 -26.53 32.96
C LYS B 110 -2.41 -27.30 32.83
N LEU B 111 -1.38 -26.67 32.28
CA LEU B 111 -0.08 -27.29 32.17
C LEU B 111 0.54 -27.62 33.52
N LEU B 112 0.21 -26.84 34.54
CA LEU B 112 0.71 -27.11 35.91
C LEU B 112 0.09 -28.34 36.56
N ASN B 113 -1.00 -28.85 35.99
CA ASN B 113 -1.62 -30.09 36.47
C ASN B 113 -0.72 -31.24 36.04
N PRO B 114 -0.13 -31.95 37.01
CA PRO B 114 0.87 -32.92 36.60
C PRO B 114 0.24 -34.07 35.78
N LYS B 115 -1.08 -34.26 35.92
CA LYS B 115 -1.85 -35.15 35.04
C LYS B 115 -2.10 -34.65 33.61
N CYS B 116 -1.59 -33.49 33.23
CA CYS B 116 -1.67 -33.03 31.84
C CYS B 116 -0.51 -33.64 31.06
N ARG B 117 -0.79 -34.74 30.37
CA ARG B 117 0.21 -35.49 29.61
C ARG B 117 0.45 -34.97 28.21
N ASP B 118 -0.61 -34.46 27.57
CA ASP B 118 -0.50 -33.86 26.24
C ASP B 118 -0.36 -32.36 26.43
N VAL B 119 0.88 -31.88 26.27
CA VAL B 119 1.19 -30.48 26.53
C VAL B 119 0.56 -29.53 25.50
N TYR B 120 0.02 -30.08 24.40
CA TYR B 120 -0.66 -29.27 23.39
C TYR B 120 -2.18 -29.18 23.59
N GLU B 121 -2.74 -29.97 24.51
CA GLU B 121 -4.20 -30.04 24.63
CA GLU B 121 -4.21 -30.06 24.69
C GLU B 121 -4.80 -28.76 25.20
N PRO B 122 -4.18 -28.16 26.25
CA PRO B 122 -4.74 -26.92 26.78
C PRO B 122 -4.91 -25.82 25.70
N ALA B 123 -3.88 -25.61 24.89
CA ALA B 123 -3.95 -24.60 23.83
C ALA B 123 -5.04 -24.94 22.81
N ARG B 124 -5.17 -26.23 22.53
CA ARG B 124 -6.14 -26.71 21.58
C ARG B 124 -7.57 -26.43 22.05
N ALA B 125 -7.79 -26.53 23.37
CA ALA B 125 -9.10 -26.39 23.97
C ALA B 125 -9.57 -24.93 24.02
N GLN B 126 -8.62 -24.00 23.97
CA GLN B 126 -8.94 -22.58 24.13
C GLN B 126 -9.94 -22.13 23.09
N PHE B 127 -10.73 -21.14 23.49
CA PHE B 127 -11.72 -20.51 22.65
C PHE B 127 -12.56 -21.53 21.91
N ASN B 128 -13.14 -22.44 22.69
CA ASN B 128 -14.04 -23.47 22.22
C ASN B 128 -13.42 -24.42 21.20
N GLY B 129 -12.20 -24.86 21.52
CA GLY B 129 -11.50 -25.80 20.68
C GLY B 129 -10.86 -25.21 19.43
N LYS B 130 -10.97 -23.89 19.24
CA LYS B 130 -10.44 -23.22 18.06
C LYS B 130 -9.02 -22.68 18.27
N GLY B 131 -8.63 -22.52 19.54
CA GLY B 131 -7.30 -21.99 19.86
C GLY B 131 -7.23 -20.47 19.78
N SER B 132 -6.22 -19.91 20.44
CA SER B 132 -5.94 -18.49 20.38
C SER B 132 -5.21 -18.10 19.11
N TYR B 133 -5.60 -16.98 18.54
CA TYR B 133 -4.82 -16.43 17.44
C TYR B 133 -4.09 -15.16 17.82
N GLY B 134 -3.92 -14.90 19.11
CA GLY B 134 -3.06 -13.80 19.56
C GLY B 134 -1.59 -13.96 19.21
N ASN B 135 -0.80 -12.94 19.53
CA ASN B 135 0.61 -12.87 19.15
C ASN B 135 1.59 -13.46 20.17
N GLY B 136 1.08 -14.07 21.24
CA GLY B 136 1.94 -14.71 22.26
C GLY B 136 2.92 -15.74 21.76
N GLY B 137 2.54 -16.50 20.73
CA GLY B 137 3.49 -17.45 20.10
C GLY B 137 4.63 -16.76 19.36
N ALA B 138 4.36 -15.58 18.79
CA ALA B 138 5.30 -14.80 17.98
C ALA B 138 6.22 -13.94 18.82
N MET B 139 5.71 -13.47 19.95
CA MET B 139 6.43 -12.49 20.73
C MET B 139 7.72 -13.06 21.31
N ARG B 140 7.73 -14.38 21.44
CA ARG B 140 8.79 -15.11 22.14
C ARG B 140 9.61 -15.99 21.19
N VAL B 141 9.31 -15.97 19.89
CA VAL B 141 9.84 -16.98 18.98
C VAL B 141 11.23 -16.72 18.41
N ALA B 142 11.80 -15.54 18.61
CA ALA B 142 13.11 -15.23 18.05
C ALA B 142 14.22 -16.30 18.31
N GLY B 143 14.26 -16.91 19.51
CA GLY B 143 15.24 -17.96 19.84
C GLY B 143 15.28 -19.12 18.87
N ILE B 144 14.10 -19.48 18.36
CA ILE B 144 14.00 -20.54 17.34
C ILE B 144 14.86 -20.19 16.14
N SER B 145 14.80 -18.95 15.69
CA SER B 145 15.53 -18.60 14.49
C SER B 145 17.03 -18.49 14.75
N LEU B 146 17.39 -18.36 16.03
CA LEU B 146 18.80 -18.39 16.45
C LEU B 146 19.34 -19.81 16.60
N ALA B 147 18.49 -20.76 16.98
CA ALA B 147 18.88 -22.16 17.14
C ALA B 147 18.86 -22.97 15.86
N TYR B 148 18.00 -22.58 14.93
CA TYR B 148 17.85 -23.35 13.70
C TYR B 148 18.12 -22.48 12.51
N SER B 149 19.14 -22.84 11.75
CA SER B 149 19.54 -22.04 10.60
C SER B 149 18.78 -22.40 9.32
N SER B 150 18.21 -23.62 9.26
CA SER B 150 17.46 -24.06 8.09
C SER B 150 16.05 -23.52 8.08
N VAL B 151 15.60 -23.00 6.94
CA VAL B 151 14.25 -22.43 6.84
C VAL B 151 13.16 -23.47 7.11
N GLN B 152 13.38 -24.74 6.74
CA GLN B 152 12.46 -25.86 7.08
C GLN B 152 12.30 -26.00 8.62
N ASP B 153 13.42 -25.90 9.32
CA ASP B 153 13.44 -26.14 10.76
C ASP B 153 12.87 -24.96 11.46
N VAL B 154 13.20 -23.75 10.98
CA VAL B 154 12.59 -22.54 11.55
C VAL B 154 11.05 -22.66 11.51
N GLN B 155 10.49 -22.98 10.34
CA GLN B 155 9.04 -23.04 10.21
C GLN B 155 8.44 -24.08 11.15
N LYS B 156 9.03 -25.26 11.12
CA LYS B 156 8.52 -26.39 11.90
C LYS B 156 8.53 -26.09 13.41
N PHE B 157 9.63 -25.62 13.92
CA PHE B 157 9.75 -25.40 15.39
C PHE B 157 9.11 -24.09 15.83
N ALA B 158 9.12 -23.05 14.96
CA ALA B 158 8.25 -21.89 15.22
C ALA B 158 6.78 -22.33 15.42
N ARG B 159 6.26 -23.17 14.53
CA ARG B 159 4.89 -23.69 14.66
C ARG B 159 4.69 -24.44 16.00
N LEU B 160 5.55 -25.38 16.27
CA LEU B 160 5.35 -26.23 17.42
C LEU B 160 5.49 -25.49 18.75
N SER B 161 6.45 -24.56 18.84
CA SER B 161 6.61 -23.78 20.03
C SER B 161 5.41 -22.84 20.21
N ALA B 162 4.85 -22.31 19.11
CA ALA B 162 3.64 -21.46 19.19
C ALA B 162 2.45 -22.25 19.68
N GLN B 163 2.33 -23.48 19.19
CA GLN B 163 1.15 -24.30 19.45
C GLN B 163 1.06 -24.73 20.90
N LEU B 164 2.14 -24.57 21.66
CA LEU B 164 2.06 -24.82 23.10
C LEU B 164 1.07 -23.92 23.82
N THR B 165 0.80 -22.73 23.25
CA THR B 165 -0.16 -21.78 23.84
C THR B 165 -1.19 -21.25 22.81
N HIS B 166 -0.89 -21.35 21.51
CA HIS B 166 -1.65 -20.68 20.47
C HIS B 166 -1.91 -21.66 19.34
N ALA B 167 -3.06 -22.33 19.42
CA ALA B 167 -3.37 -23.45 18.53
C ALA B 167 -4.09 -23.09 17.21
N SER B 168 -4.61 -21.88 17.08
CA SER B 168 -5.22 -21.49 15.82
C SER B 168 -4.14 -21.29 14.79
N SER B 169 -4.39 -21.65 13.53
CA SER B 169 -3.42 -21.34 12.48
C SER B 169 -3.10 -19.82 12.41
N LEU B 170 -4.05 -18.96 12.76
CA LEU B 170 -3.82 -17.52 12.70
C LEU B 170 -2.84 -17.06 13.77
N GLY B 171 -2.78 -17.81 14.86
CA GLY B 171 -1.76 -17.65 15.85
C GLY B 171 -0.40 -18.24 15.42
N TYR B 172 -0.39 -19.52 15.06
CA TYR B 172 0.91 -20.15 14.81
C TYR B 172 1.53 -19.74 13.51
N ASN B 173 0.74 -19.41 12.49
CA ASN B 173 1.34 -18.88 11.26
C ASN B 173 1.94 -17.49 11.52
N GLY B 174 1.39 -16.76 12.48
CA GLY B 174 1.98 -15.49 12.87
C GLY B 174 3.35 -15.67 13.47
N ALA B 175 3.50 -16.72 14.29
CA ALA B 175 4.73 -17.06 14.88
C ALA B 175 5.72 -17.49 13.79
N ILE B 176 5.28 -18.34 12.89
CA ILE B 176 6.14 -18.72 11.75
C ILE B 176 6.64 -17.50 10.95
N LEU B 177 5.75 -16.57 10.66
CA LEU B 177 6.15 -15.36 9.94
C LEU B 177 7.19 -14.54 10.69
N GLN B 178 6.97 -14.30 11.97
CA GLN B 178 7.95 -13.60 12.78
C GLN B 178 9.33 -14.35 12.80
N ALA B 179 9.32 -15.67 13.00
CA ALA B 179 10.56 -16.50 13.00
C ALA B 179 11.28 -16.41 11.64
N LEU B 180 10.51 -16.42 10.57
CA LEU B 180 11.10 -16.30 9.22
C LEU B 180 11.76 -14.92 9.04
N ALA B 181 11.14 -13.89 9.58
CA ALA B 181 11.68 -12.52 9.47
C ALA B 181 13.02 -12.41 10.19
N VAL B 182 13.07 -12.95 11.42
CA VAL B 182 14.35 -13.01 12.14
C VAL B 182 15.41 -13.84 11.40
N HIS B 183 15.03 -15.01 10.88
CA HIS B 183 15.89 -15.82 10.03
C HIS B 183 16.44 -15.04 8.83
N LEU B 184 15.58 -14.32 8.14
CA LEU B 184 16.03 -13.48 7.02
C LEU B 184 16.99 -12.38 7.43
N ALA B 185 16.74 -11.80 8.59
CA ALA B 185 17.56 -10.68 9.10
C ALA B 185 18.98 -11.18 9.42
N LEU B 186 19.06 -12.43 9.91
CA LEU B 186 20.36 -13.09 10.14
C LEU B 186 21.22 -13.20 8.89
N GLN B 187 20.60 -13.14 7.73
CA GLN B 187 21.34 -13.26 6.47
CA GLN B 187 21.36 -13.27 6.48
C GLN B 187 21.94 -11.95 5.96
N GLY B 188 21.64 -10.87 6.66
CA GLY B 188 22.26 -9.58 6.37
C GLY B 188 21.66 -8.78 5.24
N VAL B 189 22.48 -7.90 4.65
CA VAL B 189 21.99 -6.86 3.76
C VAL B 189 21.07 -7.34 2.64
N SER B 190 19.95 -6.65 2.51
CA SER B 190 18.93 -6.95 1.51
C SER B 190 18.07 -5.72 1.33
N SER B 191 17.47 -5.58 0.16
CA SER B 191 16.42 -4.59 -0.01
C SER B 191 15.21 -4.98 0.83
N SER B 192 14.38 -3.99 1.16
CA SER B 192 13.08 -4.24 1.75
C SER B 192 12.24 -5.08 0.77
N GLU B 193 12.35 -4.82 -0.53
CA GLU B 193 11.57 -5.60 -1.51
C GLU B 193 11.92 -7.09 -1.49
N HIS B 194 13.20 -7.39 -1.36
CA HIS B 194 13.64 -8.78 -1.37
C HIS B 194 13.29 -9.49 -0.10
N PHE B 195 13.37 -8.77 1.01
CA PHE B 195 12.97 -9.30 2.29
C PHE B 195 11.49 -9.72 2.22
N LEU B 196 10.64 -8.79 1.81
CA LEU B 196 9.21 -9.03 1.65
C LEU B 196 8.86 -10.14 0.69
N GLU B 197 9.47 -10.14 -0.51
CA GLU B 197 9.17 -11.17 -1.49
C GLU B 197 9.49 -12.55 -0.95
N GLN B 198 10.50 -12.66 -0.10
CA GLN B 198 10.81 -13.97 0.45
C GLN B 198 9.77 -14.42 1.49
N LEU B 199 9.39 -13.51 2.35
CA LEU B 199 8.38 -13.79 3.37
C LEU B 199 7.05 -14.15 2.70
N LEU B 200 6.69 -13.38 1.67
CA LEU B 200 5.45 -13.62 0.92
C LEU B 200 5.49 -14.99 0.28
N GLY B 201 6.61 -15.36 -0.35
CA GLY B 201 6.73 -16.68 -1.00
C GLY B 201 6.49 -17.81 -0.01
N HIS B 202 7.10 -17.69 1.16
CA HIS B 202 6.88 -18.65 2.26
C HIS B 202 5.42 -18.74 2.72
N MET B 203 4.82 -17.60 3.01
CA MET B 203 3.45 -17.61 3.54
C MET B 203 2.41 -18.05 2.55
N GLU B 204 2.58 -17.71 1.27
CA GLU B 204 1.65 -18.14 0.26
C GLU B 204 1.58 -19.66 0.24
N GLU B 205 2.72 -20.32 0.40
CA GLU B 205 2.77 -21.78 0.46
C GLU B 205 2.14 -22.33 1.75
N LEU B 206 2.60 -21.82 2.90
CA LEU B 206 2.03 -22.17 4.22
C LEU B 206 0.51 -22.03 4.27
N GLU B 207 0.02 -20.87 3.87
CA GLU B 207 -1.42 -20.60 3.90
C GLU B 207 -2.23 -21.33 2.85
N GLY B 208 -1.59 -22.14 2.00
CA GLY B 208 -2.31 -23.02 1.09
C GLY B 208 -2.97 -24.24 1.74
N ASP B 209 -2.56 -24.57 2.98
CA ASP B 209 -3.13 -25.70 3.74
C ASP B 209 -4.64 -25.54 3.91
N ALA B 210 -5.38 -26.66 3.92
CA ALA B 210 -6.85 -26.60 4.00
C ALA B 210 -7.29 -26.06 5.36
N GLN B 211 -6.63 -26.55 6.42
CA GLN B 211 -6.86 -26.02 7.75
C GLN B 211 -6.64 -24.50 7.86
N SER B 212 -5.47 -24.04 7.45
CA SER B 212 -5.20 -22.60 7.38
C SER B 212 -6.32 -21.82 6.65
N VAL B 213 -6.77 -22.32 5.51
CA VAL B 213 -7.76 -21.58 4.72
C VAL B 213 -9.10 -21.55 5.46
N LEU B 214 -9.48 -22.69 6.04
CA LEU B 214 -10.74 -22.80 6.78
C LEU B 214 -10.79 -21.83 7.94
N ASP B 215 -9.74 -21.80 8.74
CA ASP B 215 -9.69 -20.95 9.92
C ASP B 215 -9.81 -19.47 9.56
N ALA B 216 -9.26 -19.07 8.40
CA ALA B 216 -9.34 -17.68 7.93
C ALA B 216 -10.78 -17.38 7.48
N LYS B 217 -11.35 -18.26 6.66
CA LYS B 217 -12.74 -18.11 6.22
C LYS B 217 -13.66 -18.08 7.45
N GLU B 218 -13.37 -18.94 8.42
CA GLU B 218 -14.17 -19.06 9.65
C GLU B 218 -14.21 -17.74 10.41
N LEU B 219 -13.14 -16.95 10.30
CA LEU B 219 -13.05 -15.66 10.97
C LEU B 219 -13.48 -14.47 10.09
N GLY B 220 -14.04 -14.74 8.91
CA GLY B 220 -14.46 -13.68 7.99
C GLY B 220 -13.33 -12.92 7.33
N MET B 221 -12.16 -13.56 7.23
CA MET B 221 -10.97 -12.97 6.63
C MET B 221 -10.80 -13.58 5.25
N GLU B 222 -9.96 -12.98 4.40
CA GLU B 222 -9.82 -13.62 3.09
C GLU B 222 -8.79 -14.72 3.27
N GLU B 223 -8.71 -15.63 2.30
CA GLU B 223 -7.82 -16.74 2.45
C GLU B 223 -6.40 -16.21 2.32
N ARG B 224 -5.46 -16.94 2.89
CA ARG B 224 -4.11 -16.45 2.96
C ARG B 224 -4.11 -15.01 3.52
N PRO B 225 -4.54 -14.85 4.79
CA PRO B 225 -4.55 -13.52 5.42
C PRO B 225 -3.16 -12.90 5.65
N TYR B 226 -2.16 -13.70 5.99
CA TYR B 226 -0.81 -13.15 6.18
C TYR B 226 -0.22 -12.66 4.86
N SER B 227 -0.47 -13.42 3.82
CA SER B 227 0.01 -13.06 2.49
C SER B 227 -0.62 -11.76 2.03
N SER B 228 -1.93 -11.61 2.22
CA SER B 228 -2.58 -10.34 1.85
C SER B 228 -2.00 -9.22 2.71
N ARG B 229 -1.76 -9.48 3.98
CA ARG B 229 -1.22 -8.43 4.85
C ARG B 229 0.18 -8.00 4.46
N LEU B 230 0.99 -8.95 3.98
CA LEU B 230 2.35 -8.64 3.49
C LEU B 230 2.32 -7.83 2.22
N LYS B 231 1.31 -8.05 1.39
CA LYS B 231 1.12 -7.20 0.20
C LYS B 231 0.77 -5.78 0.67
N LYS B 232 -0.07 -5.65 1.69
CA LYS B 232 -0.35 -4.35 2.30
C LYS B 232 0.89 -3.70 2.93
N VAL B 233 1.75 -4.48 3.60
CA VAL B 233 3.05 -3.95 4.10
C VAL B 233 3.83 -3.31 2.95
N GLY B 234 3.88 -4.01 1.82
CA GLY B 234 4.58 -3.52 0.63
C GLY B 234 3.99 -2.22 0.16
N GLU B 235 2.67 -2.15 0.09
CA GLU B 235 1.98 -0.91 -0.25
C GLU B 235 2.36 0.27 0.70
N LEU B 236 2.25 0.07 2.02
CA LEU B 236 2.55 1.16 2.95
C LEU B 236 4.04 1.53 2.95
N LEU B 237 4.90 0.53 2.91
CA LEU B 237 6.33 0.76 2.65
C LEU B 237 6.52 1.72 1.51
N ASP B 238 5.82 1.48 0.41
CA ASP B 238 6.04 2.24 -0.83
C ASP B 238 5.49 3.67 -0.78
N GLN B 239 4.59 3.94 0.16
CA GLN B 239 3.89 5.22 0.22
C GLN B 239 4.84 6.29 0.72
N ASP B 240 4.88 7.44 0.05
CA ASP B 240 5.82 8.49 0.45
C ASP B 240 5.53 8.95 1.89
N VAL B 241 4.28 9.25 2.18
CA VAL B 241 3.87 9.72 3.50
C VAL B 241 2.88 8.70 4.02
N VAL B 242 3.02 8.26 5.26
CA VAL B 242 2.17 7.26 5.85
C VAL B 242 1.84 7.74 7.27
N SER B 243 0.56 7.78 7.62
CA SER B 243 0.13 8.19 8.96
C SER B 243 -0.08 6.97 9.83
N ARG B 244 -0.01 7.15 11.15
CA ARG B 244 -0.28 6.06 12.06
C ARG B 244 -1.69 5.51 11.88
N GLU B 245 -2.63 6.36 11.50
CA GLU B 245 -3.99 5.91 11.32
C GLU B 245 -4.09 4.91 10.19
N GLU B 246 -3.32 5.15 9.11
CA GLU B 246 -3.31 4.23 7.96
C GLU B 246 -2.70 2.87 8.33
N VAL B 247 -1.59 2.88 9.05
CA VAL B 247 -0.95 1.66 9.53
C VAL B 247 -1.89 0.91 10.44
N VAL B 248 -2.50 1.60 11.40
CA VAL B 248 -3.40 0.91 12.35
C VAL B 248 -4.62 0.37 11.65
N SER B 249 -5.14 1.11 10.70
CA SER B 249 -6.33 0.74 9.98
C SER B 249 -6.04 -0.44 9.07
N GLU B 250 -4.94 -0.35 8.35
CA GLU B 250 -4.65 -1.30 7.28
C GLU B 250 -3.92 -2.56 7.74
N LEU B 251 -3.06 -2.45 8.78
CA LEU B 251 -2.29 -3.58 9.26
C LEU B 251 -2.68 -4.00 10.67
N GLY B 252 -2.74 -3.02 11.58
CA GLY B 252 -3.22 -3.23 12.96
C GLY B 252 -2.21 -2.84 13.99
N ASN B 253 -2.63 -2.73 15.24
CA ASN B 253 -1.68 -2.63 16.34
C ASN B 253 -2.17 -3.48 17.51
N GLY B 254 -2.72 -4.64 17.16
CA GLY B 254 -3.55 -5.42 18.06
C GLY B 254 -2.89 -6.64 18.66
N ILE B 255 -3.58 -7.30 19.58
CA ILE B 255 -3.06 -8.53 20.12
C ILE B 255 -3.15 -9.71 19.13
N ALA B 256 -4.14 -9.69 18.24
CA ALA B 256 -4.21 -10.70 17.18
C ALA B 256 -2.89 -10.73 16.41
N ALA B 257 -2.36 -11.92 16.20
CA ALA B 257 -1.07 -12.09 15.53
C ALA B 257 -1.04 -11.46 14.12
N PHE B 258 -2.17 -11.51 13.45
CA PHE B 258 -2.30 -10.89 12.13
C PHE B 258 -2.44 -9.36 12.15
N GLU B 259 -2.68 -8.78 13.33
CA GLU B 259 -2.67 -7.30 13.52
C GLU B 259 -1.43 -6.76 14.22
N SER B 260 -0.44 -7.61 14.42
CA SER B 260 0.81 -7.21 15.07
C SER B 260 2.06 -7.66 14.38
N VAL B 261 2.09 -8.90 13.88
CA VAL B 261 3.31 -9.39 13.28
C VAL B 261 3.62 -8.67 11.97
N PRO B 262 2.65 -8.59 11.05
CA PRO B 262 2.94 -7.80 9.84
C PRO B 262 3.29 -6.36 10.16
N THR B 263 2.66 -5.79 11.19
CA THR B 263 2.99 -4.43 11.65
C THR B 263 4.45 -4.29 12.11
N ALA B 264 4.93 -5.23 12.94
CA ALA B 264 6.33 -5.25 13.35
C ALA B 264 7.28 -5.32 12.16
N ILE B 265 6.99 -6.21 11.22
CA ILE B 265 7.77 -6.34 10.03
C ILE B 265 7.76 -5.03 9.25
N TYR B 266 6.59 -4.41 9.12
CA TYR B 266 6.47 -3.13 8.46
C TYR B 266 7.38 -2.08 9.13
N CYS B 267 7.37 -2.01 10.45
CA CYS B 267 8.10 -0.94 11.15
C CYS B 267 9.61 -1.12 10.90
N PHE B 268 10.05 -2.38 10.91
CA PHE B 268 11.43 -2.70 10.55
C PHE B 268 11.78 -2.31 9.11
N LEU B 269 11.00 -2.75 8.14
CA LEU B 269 11.30 -2.44 6.76
C LEU B 269 11.24 -0.95 6.50
N ARG B 270 10.25 -0.29 7.08
CA ARG B 270 10.09 1.16 6.90
C ARG B 270 11.32 1.92 7.42
N CYS B 271 11.78 1.57 8.63
CA CYS B 271 12.89 2.31 9.25
C CYS B 271 14.27 1.98 8.67
N MET B 272 14.35 1.13 7.63
CA MET B 272 15.63 0.90 6.94
C MET B 272 16.16 2.17 6.32
N GLU B 273 15.28 3.07 5.92
CA GLU B 273 15.66 4.31 5.28
C GLU B 273 15.01 5.50 5.96
N PRO B 274 15.55 6.71 5.72
CA PRO B 274 14.91 7.92 6.22
C PRO B 274 13.49 8.12 5.65
N HIS B 275 12.56 8.51 6.53
CA HIS B 275 11.19 8.86 6.15
C HIS B 275 10.64 10.02 7.00
N PRO B 276 9.58 10.71 6.53
CA PRO B 276 9.06 11.89 7.26
C PRO B 276 8.50 11.63 8.67
N GLU B 277 7.97 10.43 8.91
CA GLU B 277 7.24 10.18 10.14
C GLU B 277 8.09 10.03 11.40
N ILE B 278 9.39 9.80 11.23
CA ILE B 278 10.32 9.60 12.35
C ILE B 278 11.62 10.36 12.10
N PRO B 279 12.14 11.06 13.13
CA PRO B 279 13.39 11.79 12.91
C PRO B 279 14.54 10.90 12.43
N SER B 280 15.18 11.30 11.35
CA SER B 280 16.24 10.53 10.72
C SER B 280 17.60 10.52 11.45
N THR B 281 17.72 11.32 12.51
CA THR B 281 18.98 11.46 13.26
C THR B 281 19.20 10.32 14.29
N PHE B 282 18.18 9.49 14.53
CA PHE B 282 18.33 8.24 15.31
C PHE B 282 18.76 7.18 14.32
N ASN B 283 19.41 6.12 14.79
CA ASN B 283 19.84 5.09 13.85
C ASN B 283 18.64 4.20 13.52
N SER B 284 18.80 3.33 12.54
CA SER B 284 17.67 2.52 12.10
C SER B 284 17.07 1.66 13.20
N LEU B 285 17.90 1.02 14.01
CA LEU B 285 17.35 0.19 15.10
C LEU B 285 16.55 1.08 16.05
N GLN B 286 17.11 2.22 16.43
CA GLN B 286 16.40 3.14 17.29
C GLN B 286 15.02 3.57 16.71
N ARG B 287 14.97 3.94 15.42
CA ARG B 287 13.76 4.38 14.79
C ARG B 287 12.77 3.27 14.77
N THR B 288 13.23 2.04 14.52
CA THR B 288 12.36 0.87 14.53
C THR B 288 11.57 0.78 15.84
N LEU B 289 12.28 0.94 16.94
CA LEU B 289 11.70 0.82 18.25
C LEU B 289 10.75 2.00 18.47
N ILE B 290 11.22 3.22 18.20
CA ILE B 290 10.42 4.43 18.42
C ILE B 290 9.11 4.38 17.64
N TYR B 291 9.24 4.08 16.36
CA TYR B 291 8.10 4.01 15.48
C TYR B 291 7.07 2.98 15.87
N SER B 292 7.53 1.76 16.14
CA SER B 292 6.64 0.69 16.58
CA SER B 292 6.66 0.68 16.61
C SER B 292 5.83 1.12 17.80
N ILE B 293 6.49 1.73 18.77
CA ILE B 293 5.83 2.14 20.00
C ILE B 293 4.85 3.32 19.76
N SER B 294 5.21 4.21 18.85
CA SER B 294 4.38 5.37 18.47
C SER B 294 3.03 4.96 17.89
N LEU B 295 2.94 3.74 17.38
CA LEU B 295 1.67 3.24 16.80
C LEU B 295 0.63 2.93 17.87
N GLY B 296 1.06 2.82 19.12
CA GLY B 296 0.11 2.55 20.20
C GLY B 296 -0.36 1.11 20.13
N GLY B 297 -1.38 0.79 20.92
CA GLY B 297 -1.93 -0.55 20.89
C GLY B 297 -0.98 -1.46 21.65
N ASP B 298 -0.65 -2.62 21.06
CA ASP B 298 0.18 -3.64 21.75
C ASP B 298 1.66 -3.30 21.65
N THR B 299 2.04 -2.22 22.31
CA THR B 299 3.31 -1.54 22.01
C THR B 299 4.51 -2.40 22.42
N ASP B 300 4.43 -3.02 23.59
CA ASP B 300 5.55 -3.87 24.05
C ASP B 300 5.81 -5.02 23.09
N THR B 301 4.72 -5.62 22.58
CA THR B 301 4.82 -6.83 21.79
C THR B 301 5.18 -6.51 20.36
N ILE B 302 4.63 -5.43 19.82
CA ILE B 302 4.96 -5.06 18.44
C ILE B 302 6.43 -4.63 18.39
N ALA B 303 6.85 -3.88 19.42
CA ALA B 303 8.21 -3.38 19.52
C ALA B 303 9.21 -4.52 19.79
N THR B 304 8.86 -5.48 20.66
CA THR B 304 9.73 -6.64 20.87
C THR B 304 9.95 -7.45 19.61
N MET B 305 8.93 -7.54 18.73
CA MET B 305 9.05 -8.32 17.51
C MET B 305 9.83 -7.55 16.46
N ALA B 306 9.48 -6.28 16.27
CA ALA B 306 10.26 -5.40 15.38
C ALA B 306 11.75 -5.33 15.82
N GLY B 307 11.97 -5.25 17.14
CA GLY B 307 13.31 -5.12 17.72
C GLY B 307 14.14 -6.37 17.56
N ALA B 308 13.53 -7.54 17.64
CA ALA B 308 14.22 -8.80 17.36
C ALA B 308 14.76 -8.82 15.94
N ILE B 309 13.93 -8.45 14.99
CA ILE B 309 14.31 -8.46 13.58
C ILE B 309 15.39 -7.44 13.33
N ALA B 310 15.17 -6.24 13.79
CA ALA B 310 16.18 -5.19 13.63
C ALA B 310 17.52 -5.54 14.31
N GLY B 311 17.44 -6.07 15.54
CA GLY B 311 18.68 -6.51 16.23
C GLY B 311 19.50 -7.50 15.42
N ALA B 312 18.82 -8.49 14.82
CA ALA B 312 19.46 -9.53 14.01
C ALA B 312 20.04 -8.95 12.76
N TYR B 313 19.36 -7.96 12.20
CA TYR B 313 19.79 -7.31 10.97
C TYR B 313 20.95 -6.32 11.14
N TYR B 314 20.88 -5.52 12.20
CA TYR B 314 21.83 -4.44 12.43
C TYR B 314 22.94 -4.77 13.41
N GLY B 315 22.75 -5.78 14.24
CA GLY B 315 23.79 -6.28 15.16
C GLY B 315 23.96 -5.33 16.33
N MET B 316 24.87 -5.64 17.23
CA MET B 316 25.15 -4.77 18.39
C MET B 316 25.63 -3.39 17.99
N GLU B 317 26.08 -3.27 16.75
CA GLU B 317 26.58 -2.03 16.20
C GLU B 317 25.54 -0.89 16.34
N GLN B 318 24.24 -1.19 16.28
CA GLN B 318 23.19 -0.15 16.43
C GLN B 318 22.38 -0.21 17.74
N VAL B 319 22.75 -1.12 18.63
CA VAL B 319 22.14 -1.19 19.96
C VAL B 319 22.76 -0.11 20.85
N PRO B 320 21.96 0.89 21.27
CA PRO B 320 22.48 1.99 22.07
C PRO B 320 22.87 1.56 23.47
N GLU B 321 24.09 1.85 23.91
CA GLU B 321 24.50 1.35 25.24
C GLU B 321 23.61 1.84 26.37
N SER B 322 23.28 3.13 26.37
CA SER B 322 22.48 3.74 27.43
C SER B 322 21.11 3.11 27.52
N TRP B 323 20.53 2.82 26.36
CA TRP B 323 19.21 2.20 26.31
C TRP B 323 19.30 0.78 26.85
N GLN B 324 20.23 0.01 26.30
CA GLN B 324 20.39 -1.39 26.67
C GLN B 324 20.69 -1.51 28.15
N GLN B 325 21.61 -0.69 28.65
CA GLN B 325 22.02 -0.79 30.04
C GLN B 325 20.93 -0.39 31.02
N SER B 326 19.84 0.17 30.49
CA SER B 326 18.64 0.51 31.26
C SER B 326 17.60 -0.62 31.40
N CYS B 327 17.80 -1.72 30.66
CA CYS B 327 16.87 -2.81 30.61
C CYS B 327 17.19 -3.89 31.62
N GLU B 328 16.15 -4.29 32.35
CA GLU B 328 16.27 -5.35 33.35
C GLU B 328 16.83 -6.60 32.72
N GLY B 329 17.93 -7.09 33.28
CA GLY B 329 18.48 -8.37 32.83
C GLY B 329 19.19 -8.30 31.50
N PHE B 330 19.70 -7.13 31.11
CA PHE B 330 20.38 -7.03 29.80
C PHE B 330 21.63 -7.93 29.77
N GLU B 331 22.30 -8.12 30.90
CA GLU B 331 23.54 -8.90 30.88
C GLU B 331 23.22 -10.37 30.73
N GLU B 332 22.16 -10.81 31.38
CA GLU B 332 21.72 -12.21 31.33
C GLU B 332 21.28 -12.55 29.89
N THR B 333 20.54 -11.64 29.29
CA THR B 333 20.12 -11.74 27.91
C THR B 333 21.28 -11.93 26.95
N ASP B 334 22.34 -11.15 27.14
CA ASP B 334 23.50 -11.21 26.29
C ASP B 334 24.21 -12.54 26.43
N VAL B 335 24.30 -13.04 27.66
CA VAL B 335 24.90 -14.35 27.87
C VAL B 335 24.07 -15.40 27.17
N LEU B 336 22.73 -15.31 27.26
CA LEU B 336 21.90 -16.34 26.63
C LEU B 336 22.10 -16.32 25.11
N ALA B 337 22.27 -15.13 24.55
CA ALA B 337 22.47 -14.99 23.09
C ALA B 337 23.79 -15.60 22.68
N GLN B 338 24.82 -15.36 23.47
CA GLN B 338 26.14 -15.97 23.25
C GLN B 338 26.08 -17.50 23.37
N SER B 339 25.30 -17.96 24.32
CA SER B 339 25.09 -19.41 24.56
C SER B 339 24.37 -20.08 23.37
N LEU B 340 23.39 -19.41 22.79
CA LEU B 340 22.68 -19.96 21.64
C LEU B 340 23.66 -20.11 20.48
N HIS B 341 24.51 -19.11 20.29
CA HIS B 341 25.47 -19.10 19.20
C HIS B 341 26.44 -20.29 19.38
N ARG B 342 26.88 -20.49 20.62
CA ARG B 342 27.86 -21.54 20.93
C ARG B 342 27.28 -22.94 20.75
N VAL B 343 26.09 -23.14 21.29
CA VAL B 343 25.42 -24.44 21.20
C VAL B 343 24.96 -24.79 19.79
N PHE B 344 24.39 -23.83 19.06
CA PHE B 344 23.77 -24.11 17.75
C PHE B 344 24.52 -23.61 16.51
N GLN B 345 25.42 -22.65 16.67
CA GLN B 345 26.02 -21.97 15.50
C GLN B 345 27.51 -22.22 15.34
N GLU B 346 28.27 -22.22 16.43
CA GLU B 346 29.72 -22.42 16.33
C GLU B 346 30.01 -23.87 15.92
N SER B 347 31.11 -24.05 15.18
CA SER B 347 31.44 -25.31 14.51
C SER B 347 32.62 -26.02 15.17
MG MG C . -12.43 5.48 -25.80
MG MG D . -15.07 7.04 -23.67
MG MG E . 4.13 -7.95 27.45
MG MG F . 1.86 -6.91 24.74
#